data_7EM5
#
_entry.id   7EM5
#
_cell.length_a   109.561
_cell.length_b   186.153
_cell.length_c   105.655
_cell.angle_alpha   90.00
_cell.angle_beta   90.00
_cell.angle_gamma   90.00
#
_symmetry.space_group_name_H-M   'C 2 2 21'
#
loop_
_entity.id
_entity.type
_entity.pdbx_description
1 polymer 'Phosphatidylinositol 5-phosphate 4-kinase type-2 beta'
2 non-polymer '[(2~{R},3~{S},4~{R},5~{R})-5-[2,6-bis(oxidanylidene)-3~{H}-purin-9-yl]-3,4-bis(oxidanyl)oxolan-2-yl]methyl phosphono hydrogen phosphate'
3 non-polymer '[[(2~{R},3~{S},4~{R},5~{R})-5-[2,6-bis(oxidanylidene)-3~{H}-purin-9-yl]-3,4-bis(oxidanyl)oxolan-2-yl]methoxy-oxidanyl-phosphoryl] phosphono hydrogen phosphate'
4 water water
#
_entity_poly.entity_id   1
_entity_poly.type   'polypeptide(L)'
_entity_poly.pdbx_seq_one_letter_code
;GPNCAPGQKVKLFRASEPILSVLMWGVNHTINELSNVPVPVMLMPDDFKAYSKIKVDNHLFNKENLPSRFKFKEYCPMVF
RNLRERFGIDDQDYQNSVTRSAPINSDSQGRCGTRFLTTYDRRFVIKTVSSEDVAEMHNILKKYHQFIVECHGNTLLPQF
LGMYRLTVDGVETYMVVTRNVLSHRLTVHRKYDLKGSTVAREASDKEKAKDLPTFKDNDFLNEGQKLHVGEESKKNFLEK
LKRDVEFLAQLKIMDYSLLVGIHDVDRAEQEEMEVEERAEDEECENDGVGGNLLCSYGTPPDSPGNLLSFPRFFGPGEFD
PSVDVYAMKSHESSPKKEVYFMAIIDILTPYDTKKKAAHAAKTVKHGAGAEISTVNPEQYSKRFNEFMSNILT
;
_entity_poly.pdbx_strand_id   A,B
#
loop_
_chem_comp.id
_chem_comp.type
_chem_comp.name
_chem_comp.formula
CZC non-polymer '[(2~{R},3~{S},4~{R},5~{R})-5-[2,6-bis(oxidanylidene)-3~{H}-purin-9-yl]-3,4-bis(oxidanyl)oxolan-2-yl]methyl phosphono hydrogen phosphate' 'C10 H14 N4 O12 P2'
CZF non-polymer '[[(2~{R},3~{S},4~{R},5~{R})-5-[2,6-bis(oxidanylidene)-3~{H}-purin-9-yl]-3,4-bis(oxidanyl)oxolan-2-yl]methoxy-oxidanyl-phosphoryl] phosphono hydrogen phosphate' 'C10 H15 N4 O15 P3'
#
# COMPACT_ATOMS: atom_id res chain seq x y z
N VAL A 10 -9.51 -3.64 7.43
CA VAL A 10 -10.24 -2.71 6.56
C VAL A 10 -10.15 -1.27 7.11
N LYS A 11 -9.45 -0.41 6.37
CA LYS A 11 -9.05 0.92 6.84
C LYS A 11 -9.67 1.99 5.94
N LEU A 12 -10.62 2.74 6.50
CA LEU A 12 -11.29 3.84 5.81
C LEU A 12 -10.43 5.07 5.73
N PHE A 13 -9.50 5.25 6.66
CA PHE A 13 -8.75 6.50 6.80
C PHE A 13 -9.69 7.68 7.09
N ARG A 14 -10.79 7.44 7.81
CA ARG A 14 -11.67 8.53 8.17
C ARG A 14 -10.91 9.51 9.08
N ALA A 15 -10.97 10.80 8.74
CA ALA A 15 -10.31 11.82 9.54
C ALA A 15 -11.05 13.14 9.39
N SER A 16 -10.85 14.03 10.37
CA SER A 16 -11.59 15.29 10.39
C SER A 16 -11.08 16.26 9.33
N GLU A 17 -9.82 16.11 8.93
CA GLU A 17 -9.28 16.93 7.88
C GLU A 17 -8.67 16.05 6.79
N PRO A 18 -8.85 16.40 5.52
CA PRO A 18 -8.24 15.62 4.44
C PRO A 18 -6.75 15.36 4.61
N ILE A 19 -6.03 16.27 5.24
CA ILE A 19 -4.59 16.07 5.28
C ILE A 19 -4.25 14.91 6.22
N LEU A 20 -5.02 14.76 7.29
CA LEU A 20 -4.84 13.62 8.19
C LEU A 20 -5.11 12.31 7.46
N SER A 21 -6.23 12.23 6.74
CA SER A 21 -6.53 11.07 5.89
C SER A 21 -5.38 10.77 4.96
N VAL A 22 -4.81 11.80 4.33
CA VAL A 22 -3.70 11.54 3.42
C VAL A 22 -2.48 11.06 4.19
N LEU A 23 -2.26 11.58 5.39
CA LEU A 23 -1.15 11.11 6.22
C LEU A 23 -1.31 9.64 6.55
N MET A 24 -2.54 9.22 6.87
CA MET A 24 -2.77 7.82 7.21
C MET A 24 -2.60 6.94 5.99
N TRP A 25 -3.21 7.34 4.88
CA TRP A 25 -2.98 6.63 3.63
C TRP A 25 -1.49 6.52 3.34
N GLY A 26 -0.74 7.61 3.51
CA GLY A 26 0.66 7.63 3.12
C GLY A 26 1.53 6.70 3.95
N VAL A 27 1.33 6.73 5.28
CA VAL A 27 2.13 5.85 6.11
C VAL A 27 1.77 4.38 5.85
N ASN A 28 0.48 4.10 5.70
CA ASN A 28 0.06 2.76 5.27
C ASN A 28 0.76 2.34 3.99
N HIS A 29 0.72 3.20 2.97
CA HIS A 29 1.27 2.81 1.69
C HIS A 29 2.76 2.55 1.78
N THR A 30 3.51 3.45 2.44
CA THR A 30 4.96 3.31 2.43
C THR A 30 5.40 2.15 3.31
N ILE A 31 4.70 1.89 4.41
CA ILE A 31 5.09 0.75 5.21
C ILE A 31 4.81 -0.56 4.45
N ASN A 32 3.67 -0.63 3.75
CA ASN A 32 3.41 -1.87 3.02
C ASN A 32 4.36 -2.03 1.84
N GLU A 33 4.66 -0.94 1.14
CA GLU A 33 5.69 -1.00 0.09
C GLU A 33 7.03 -1.44 0.69
N LEU A 34 7.38 -0.89 1.84
CA LEU A 34 8.66 -1.22 2.46
C LEU A 34 8.70 -2.70 2.82
N SER A 35 7.55 -3.30 3.06
CA SER A 35 7.60 -4.71 3.43
C SER A 35 7.97 -5.62 2.24
N ASN A 36 7.99 -5.12 1.00
CA ASN A 36 8.46 -5.91 -0.12
C ASN A 36 9.90 -5.61 -0.50
N VAL A 37 10.50 -4.62 0.15
CA VAL A 37 11.91 -4.30 -0.03
C VAL A 37 12.71 -5.05 1.05
N PRO A 38 13.63 -5.93 0.68
CA PRO A 38 14.41 -6.65 1.70
C PRO A 38 15.16 -5.69 2.61
N VAL A 39 15.68 -6.20 3.72
CA VAL A 39 16.29 -5.36 4.75
C VAL A 39 17.81 -5.43 4.55
N PRO A 40 18.46 -4.30 4.28
CA PRO A 40 19.87 -4.36 3.86
C PRO A 40 20.81 -4.68 5.00
N VAL A 41 21.95 -5.25 4.62
CA VAL A 41 23.02 -5.49 5.56
C VAL A 41 23.52 -4.17 6.12
N MET A 42 23.92 -3.27 5.23
CA MET A 42 24.38 -1.93 5.56
C MET A 42 23.41 -0.94 4.92
N LEU A 43 23.52 0.32 5.32
CA LEU A 43 22.94 1.39 4.54
C LEU A 43 23.95 1.85 3.51
N MET A 44 23.48 2.12 2.30
CA MET A 44 24.34 2.74 1.30
C MET A 44 24.19 4.26 1.37
N PRO A 45 25.20 5.00 0.93
CA PRO A 45 25.06 6.47 0.92
C PRO A 45 23.90 6.99 0.08
N ASP A 46 23.60 6.33 -1.05
CA ASP A 46 22.38 6.64 -1.80
C ASP A 46 21.17 6.66 -0.89
N ASP A 47 21.10 5.74 0.07
CA ASP A 47 19.94 5.66 0.96
C ASP A 47 19.71 6.95 1.74
N PHE A 48 20.72 7.82 1.87
CA PHE A 48 20.59 9.09 2.57
C PHE A 48 20.20 10.25 1.67
N LYS A 49 20.21 10.06 0.35
CA LYS A 49 19.75 11.05 -0.61
C LYS A 49 18.47 10.61 -1.30
N ALA A 50 17.90 9.48 -0.90
CA ALA A 50 16.78 8.86 -1.59
C ALA A 50 15.43 9.43 -1.13
N TYR A 51 14.40 9.13 -1.93
CA TYR A 51 13.03 9.51 -1.58
C TYR A 51 12.08 8.65 -2.41
N SER A 52 10.85 8.54 -1.92
CA SER A 52 9.78 7.91 -2.67
C SER A 52 8.64 8.89 -2.80
N LYS A 53 8.05 8.93 -3.99
CA LYS A 53 6.99 9.87 -4.35
C LYS A 53 5.86 9.06 -4.99
N ILE A 54 4.64 9.29 -4.54
CA ILE A 54 3.45 8.82 -5.25
C ILE A 54 2.52 9.99 -5.49
N LYS A 55 1.87 9.99 -6.66
CA LYS A 55 0.93 11.03 -7.04
C LYS A 55 -0.38 10.36 -7.40
N VAL A 56 -1.41 10.50 -6.56
CA VAL A 56 -2.72 9.90 -6.79
C VAL A 56 -3.66 10.90 -7.44
N ASP A 57 -4.28 10.47 -8.56
CA ASP A 57 -5.38 11.20 -9.23
C ASP A 57 -6.45 10.17 -9.54
N ASN A 58 -7.34 9.90 -8.58
CA ASN A 58 -8.51 9.07 -8.85
C ASN A 58 -9.60 9.93 -9.49
N HIS A 59 -10.65 9.27 -9.97
CA HIS A 59 -11.79 9.92 -10.63
C HIS A 59 -13.04 9.10 -10.36
N LEU A 60 -14.00 9.70 -9.67
CA LEU A 60 -15.26 9.06 -9.29
C LEU A 60 -15.02 7.75 -8.53
N PHE A 61 -13.91 7.65 -7.83
CA PHE A 61 -13.53 6.41 -7.19
C PHE A 61 -12.87 6.71 -5.86
N ASN A 62 -13.34 6.02 -4.82
CA ASN A 62 -12.71 6.05 -3.50
C ASN A 62 -12.57 7.48 -2.98
N LYS A 63 -13.64 8.26 -3.02
CA LYS A 63 -13.60 9.66 -2.56
C LYS A 63 -14.41 9.89 -1.29
N GLU A 64 -14.85 8.83 -0.61
CA GLU A 64 -15.53 8.98 0.67
C GLU A 64 -14.65 9.70 1.70
N ASN A 65 -13.39 9.28 1.82
CA ASN A 65 -12.54 9.88 2.84
C ASN A 65 -11.32 10.57 2.26
N LEU A 66 -10.61 9.93 1.36
CA LEU A 66 -9.45 10.59 0.78
C LEU A 66 -9.89 11.59 -0.28
N PRO A 67 -9.05 12.59 -0.53
CA PRO A 67 -9.24 13.41 -1.73
C PRO A 67 -9.02 12.55 -2.96
N SER A 68 -9.60 13.00 -4.07
CA SER A 68 -9.37 12.35 -5.36
C SER A 68 -7.93 12.57 -5.83
N ARG A 69 -7.34 13.72 -5.50
CA ARG A 69 -6.00 14.09 -5.94
C ARG A 69 -5.17 14.46 -4.72
N PHE A 70 -4.04 13.76 -4.53
CA PHE A 70 -3.06 14.15 -3.53
C PHE A 70 -1.69 13.60 -3.92
N LYS A 71 -0.65 14.08 -3.22
CA LYS A 71 0.70 13.58 -3.40
C LYS A 71 1.31 13.20 -2.05
N PHE A 72 2.18 12.19 -2.05
CA PHE A 72 2.85 11.76 -0.82
C PHE A 72 4.31 11.43 -1.10
N LYS A 73 5.21 12.05 -0.34
CA LYS A 73 6.64 11.87 -0.49
C LYS A 73 7.21 11.44 0.86
N GLU A 74 8.05 10.42 0.85
CA GLU A 74 8.71 10.00 2.07
C GLU A 74 10.22 10.06 1.84
N TYR A 75 10.95 10.61 2.82
CA TYR A 75 12.37 10.89 2.70
C TYR A 75 13.20 9.78 3.31
N CYS A 76 14.23 9.35 2.59
CA CYS A 76 15.16 8.35 3.08
C CYS A 76 14.44 7.17 3.76
N PRO A 77 13.47 6.56 3.07
CA PRO A 77 12.65 5.55 3.76
C PRO A 77 13.47 4.40 4.34
N MET A 78 14.61 4.06 3.73
CA MET A 78 15.46 2.99 4.25
C MET A 78 16.13 3.40 5.54
N VAL A 79 16.58 4.66 5.61
CA VAL A 79 17.24 5.14 6.81
C VAL A 79 16.25 5.19 7.97
N PHE A 80 15.03 5.67 7.75
CA PHE A 80 14.11 5.74 8.88
C PHE A 80 13.58 4.36 9.23
N ARG A 81 13.47 3.46 8.26
CA ARG A 81 13.17 2.08 8.64
C ARG A 81 14.24 1.55 9.56
N ASN A 82 15.51 1.82 9.23
CA ASN A 82 16.59 1.33 10.07
C ASN A 82 16.50 1.95 11.44
N LEU A 83 16.23 3.26 11.50
CA LEU A 83 16.11 3.96 12.78
C LEU A 83 14.98 3.36 13.62
N ARG A 84 13.82 3.13 13.00
CA ARG A 84 12.72 2.47 13.69
C ARG A 84 13.22 1.16 14.32
N GLU A 85 13.89 0.33 13.53
CA GLU A 85 14.47 -0.89 14.07
C GLU A 85 15.38 -0.59 15.27
N ARG A 86 16.25 0.41 15.12
CA ARG A 86 17.25 0.72 16.13
C ARG A 86 16.63 1.25 17.41
N PHE A 87 15.39 1.74 17.35
CA PHE A 87 14.68 2.26 18.51
C PHE A 87 13.65 1.28 19.05
N GLY A 88 13.61 0.07 18.51
CA GLY A 88 12.77 -0.96 19.06
C GLY A 88 11.34 -0.96 18.58
N ILE A 89 11.05 -0.26 17.49
CA ILE A 89 9.69 -0.07 17.00
C ILE A 89 9.48 -0.94 15.77
N ASP A 90 8.52 -1.88 15.85
CA ASP A 90 8.09 -2.65 14.69
C ASP A 90 7.42 -1.76 13.65
N ASP A 91 7.74 -1.98 12.37
CA ASP A 91 7.04 -1.29 11.29
C ASP A 91 5.51 -1.51 11.36
N GLN A 92 5.08 -2.76 11.60
CA GLN A 92 3.66 -3.07 11.77
C GLN A 92 3.01 -2.23 12.85
N ASP A 93 3.66 -2.08 14.02
CA ASP A 93 3.08 -1.25 15.09
C ASP A 93 3.01 0.21 14.68
N TYR A 94 4.05 0.70 14.00
CA TYR A 94 4.06 2.07 13.53
C TYR A 94 2.89 2.35 12.60
N GLN A 95 2.75 1.49 11.60
CA GLN A 95 1.62 1.56 10.69
C GLN A 95 0.30 1.53 11.47
N ASN A 96 0.17 0.62 12.42
CA ASN A 96 -1.12 0.50 13.11
C ASN A 96 -1.42 1.73 13.97
N SER A 97 -0.41 2.33 14.61
CA SER A 97 -0.71 3.51 15.42
C SER A 97 -1.10 4.68 14.55
N VAL A 98 -0.57 4.75 13.33
CA VAL A 98 -0.94 5.86 12.47
C VAL A 98 -2.29 5.59 11.79
N THR A 99 -2.60 4.34 11.43
CA THR A 99 -3.75 4.08 10.56
C THR A 99 -4.99 3.52 11.25
N ARG A 100 -4.90 2.99 12.47
CA ARG A 100 -6.11 2.39 13.05
C ARG A 100 -7.17 3.43 13.35
N SER A 101 -6.77 4.68 13.55
CA SER A 101 -7.70 5.74 13.85
C SER A 101 -6.92 7.04 13.72
N ALA A 102 -7.62 8.13 13.39
CA ALA A 102 -6.93 9.35 13.00
C ALA A 102 -6.11 9.90 14.16
N PRO A 103 -4.96 10.50 13.87
CA PRO A 103 -4.21 11.22 14.90
C PRO A 103 -5.02 12.38 15.43
N ILE A 104 -4.65 12.83 16.63
CA ILE A 104 -5.42 13.83 17.36
C ILE A 104 -4.54 15.00 17.75
N ASN A 105 -5.19 16.09 18.20
CA ASN A 105 -4.55 17.30 18.70
C ASN A 105 -4.22 17.11 20.16
N ARG A 115 1.77 22.88 13.65
CA ARG A 115 0.73 22.00 14.15
C ARG A 115 1.32 20.72 14.73
N PHE A 116 0.63 20.20 15.75
CA PHE A 116 1.10 19.13 16.61
C PHE A 116 0.02 18.08 16.72
N LEU A 117 0.36 16.82 16.45
CA LEU A 117 -0.57 15.72 16.66
C LEU A 117 0.12 14.58 17.39
N THR A 118 -0.67 13.73 18.03
CA THR A 118 -0.19 12.40 18.38
C THR A 118 -1.13 11.36 17.80
N THR A 119 -0.58 10.19 17.49
CA THR A 119 -1.39 9.08 17.08
C THR A 119 -2.43 8.79 18.16
N TYR A 120 -3.53 8.15 17.74
CA TYR A 120 -4.64 7.96 18.67
C TYR A 120 -4.19 7.27 19.95
N ASP A 121 -3.20 6.38 19.85
CA ASP A 121 -2.73 5.64 21.02
C ASP A 121 -1.66 6.38 21.78
N ARG A 122 -1.39 7.65 21.45
CA ARG A 122 -0.49 8.54 22.19
C ARG A 122 0.97 8.10 22.08
N ARG A 123 1.30 7.26 21.13
CA ARG A 123 2.62 6.63 21.19
C ARG A 123 3.66 7.42 20.45
N PHE A 124 3.26 8.04 19.35
CA PHE A 124 4.12 8.80 18.47
C PHE A 124 3.54 10.21 18.28
N VAL A 125 4.44 11.15 18.00
CA VAL A 125 4.15 12.57 17.85
C VAL A 125 4.49 12.96 16.41
N ILE A 126 3.63 13.77 15.82
CA ILE A 126 3.72 14.15 14.42
C ILE A 126 3.73 15.66 14.38
N LYS A 127 4.87 16.24 14.01
CA LYS A 127 5.00 17.68 14.03
C LYS A 127 5.04 18.16 12.59
N THR A 128 4.28 19.20 12.30
CA THR A 128 4.43 19.90 11.04
C THR A 128 5.66 20.79 11.11
N VAL A 129 6.52 20.66 10.12
CA VAL A 129 7.79 21.34 10.10
C VAL A 129 7.92 22.11 8.79
N SER A 130 9.07 22.73 8.61
CA SER A 130 9.31 23.64 7.51
C SER A 130 10.28 23.03 6.53
N SER A 131 10.28 23.61 5.32
CA SER A 131 11.21 23.18 4.27
C SER A 131 12.65 23.19 4.77
N GLU A 132 13.02 24.23 5.52
CA GLU A 132 14.37 24.29 6.07
C GLU A 132 14.63 23.20 7.11
N ASP A 133 13.62 22.85 7.91
CA ASP A 133 13.80 21.76 8.86
C ASP A 133 14.11 20.46 8.14
N VAL A 134 13.41 20.21 7.02
CA VAL A 134 13.71 19.04 6.19
C VAL A 134 15.15 19.10 5.65
N ALA A 135 15.56 20.27 5.15
CA ALA A 135 16.94 20.40 4.70
C ALA A 135 17.91 20.06 5.83
N GLU A 136 17.78 20.70 6.99
CA GLU A 136 18.70 20.44 8.09
C GLU A 136 18.68 18.98 8.51
N MET A 137 17.52 18.32 8.40
CA MET A 137 17.46 16.90 8.75
C MET A 137 18.29 16.08 7.78
N HIS A 138 18.25 16.40 6.49
CA HIS A 138 19.16 15.74 5.55
C HIS A 138 20.61 16.05 5.91
N ASN A 139 20.89 17.30 6.21
CA ASN A 139 22.27 17.71 6.45
C ASN A 139 22.87 17.06 7.66
N ILE A 140 22.04 16.58 8.58
CA ILE A 140 22.53 15.95 9.80
C ILE A 140 22.24 14.46 9.85
N LEU A 141 21.53 13.90 8.87
CA LEU A 141 20.98 12.56 9.05
C LEU A 141 22.05 11.50 9.15
N LYS A 142 23.15 11.61 8.38
CA LYS A 142 24.16 10.57 8.39
C LYS A 142 24.91 10.51 9.71
N LYS A 143 25.33 11.67 10.21
CA LYS A 143 25.89 11.72 11.56
C LYS A 143 24.86 11.32 12.62
N TYR A 144 23.58 11.65 12.43
CA TYR A 144 22.60 11.28 13.45
C TYR A 144 22.42 9.77 13.50
N HIS A 145 22.27 9.14 12.34
CA HIS A 145 22.21 7.69 12.29
C HIS A 145 23.44 7.05 12.94
N GLN A 146 24.64 7.50 12.57
CA GLN A 146 25.79 6.85 13.19
C GLN A 146 25.86 7.09 14.69
N PHE A 147 25.36 8.24 15.17
CA PHE A 147 25.36 8.50 16.61
C PHE A 147 24.41 7.56 17.34
N ILE A 148 23.19 7.40 16.78
CA ILE A 148 22.25 6.40 17.30
C ILE A 148 22.90 5.01 17.30
N VAL A 149 23.63 4.67 16.24
CA VAL A 149 24.25 3.35 16.14
C VAL A 149 25.27 3.16 17.28
N GLU A 150 26.17 4.12 17.45
CA GLU A 150 27.21 3.94 18.47
C GLU A 150 26.75 4.30 19.88
N CYS A 151 25.50 4.67 20.09
CA CYS A 151 24.99 4.75 21.46
C CYS A 151 23.90 3.72 21.73
N HIS A 152 23.55 2.89 20.75
CA HIS A 152 22.58 1.80 20.93
C HIS A 152 21.19 2.32 21.25
N GLY A 153 20.84 3.48 20.70
CA GLY A 153 19.54 4.06 20.97
C GLY A 153 19.35 4.65 22.36
N ASN A 154 20.41 4.74 23.17
CA ASN A 154 20.38 5.32 24.52
C ASN A 154 20.69 6.81 24.45
N THR A 155 19.66 7.62 24.20
CA THR A 155 19.88 9.05 24.02
C THR A 155 18.63 9.81 24.39
N LEU A 156 18.83 11.02 24.94
CA LEU A 156 17.76 11.94 25.19
C LEU A 156 17.27 12.68 23.96
N LEU A 157 18.01 12.59 22.85
CA LEU A 157 17.67 13.30 21.63
C LEU A 157 16.33 12.82 21.11
N PRO A 158 15.68 13.59 20.24
CA PRO A 158 14.51 13.06 19.54
C PRO A 158 14.88 11.76 18.84
N GLN A 159 13.95 10.81 18.86
CA GLN A 159 14.06 9.59 18.08
C GLN A 159 13.17 9.75 16.86
N PHE A 160 13.80 9.99 15.72
CA PHE A 160 13.10 10.24 14.46
C PHE A 160 12.72 8.93 13.79
N LEU A 161 11.45 8.78 13.43
CA LEU A 161 10.97 7.55 12.82
C LEU A 161 10.48 7.73 11.39
N GLY A 162 10.31 8.96 10.94
CA GLY A 162 9.77 9.19 9.62
C GLY A 162 9.76 10.67 9.28
N MET A 163 9.83 10.95 7.98
CA MET A 163 9.72 12.31 7.49
C MET A 163 9.05 12.30 6.14
N TYR A 164 7.98 13.12 6.00
CA TYR A 164 7.06 13.04 4.88
C TYR A 164 6.75 14.44 4.36
N ARG A 165 6.34 14.50 3.09
CA ARG A 165 5.74 15.70 2.48
C ARG A 165 4.39 15.31 1.89
N LEU A 166 3.34 16.00 2.33
CA LEU A 166 1.97 15.79 1.89
C LEU A 166 1.62 16.91 0.95
N THR A 167 0.92 16.59 -0.13
CA THR A 167 0.35 17.64 -0.96
C THR A 167 -1.14 17.37 -1.07
N VAL A 168 -1.94 18.26 -0.49
CA VAL A 168 -3.39 18.23 -0.57
C VAL A 168 -3.83 19.64 -0.95
N ASP A 169 -4.65 19.76 -2.00
CA ASP A 169 -5.10 21.05 -2.58
C ASP A 169 -3.91 21.91 -3.03
N GLY A 170 -2.96 21.28 -3.73
CA GLY A 170 -1.80 21.97 -4.25
C GLY A 170 -0.88 22.57 -3.21
N VAL A 171 -0.99 22.15 -1.95
CA VAL A 171 -0.21 22.72 -0.86
C VAL A 171 0.66 21.64 -0.25
N GLU A 172 1.92 21.98 0.04
CA GLU A 172 2.88 21.01 0.54
C GLU A 172 3.04 21.18 2.04
N THR A 173 2.88 20.07 2.78
CA THR A 173 3.07 20.05 4.23
C THR A 173 4.14 19.03 4.57
N TYR A 174 5.16 19.47 5.31
CA TYR A 174 6.24 18.62 5.77
C TYR A 174 5.92 18.16 7.19
N MET A 175 6.11 16.86 7.47
CA MET A 175 5.84 16.34 8.81
C MET A 175 6.98 15.41 9.23
N VAL A 176 7.31 15.48 10.51
CA VAL A 176 8.36 14.68 11.13
C VAL A 176 7.74 13.90 12.28
N VAL A 177 7.85 12.57 12.23
CA VAL A 177 7.33 11.64 13.23
C VAL A 177 8.43 11.26 14.22
N THR A 178 8.14 11.38 15.52
CA THR A 178 9.06 11.06 16.62
C THR A 178 8.35 10.22 17.67
N ARG A 179 9.13 9.49 18.47
CA ARG A 179 8.51 8.84 19.63
C ARG A 179 8.22 9.88 20.71
N ASN A 180 7.11 9.67 21.43
CA ASN A 180 6.67 10.61 22.45
C ASN A 180 7.67 10.67 23.60
N VAL A 181 8.09 11.89 23.95
CA VAL A 181 8.78 12.12 25.22
C VAL A 181 7.91 11.70 26.39
N LEU A 182 6.60 11.92 26.28
CA LEU A 182 5.72 11.62 27.40
C LEU A 182 5.20 10.18 27.30
N SER A 183 4.65 9.72 28.42
CA SER A 183 4.07 8.39 28.44
C SER A 183 2.82 8.36 27.58
N HIS A 184 2.53 7.19 27.00
CA HIS A 184 1.27 6.99 26.31
C HIS A 184 0.14 6.57 27.24
N ARG A 185 0.42 6.12 28.48
CA ARG A 185 -0.63 5.80 29.44
C ARG A 185 -0.73 6.82 30.58
N LEU A 186 0.39 7.15 31.21
CA LEU A 186 0.36 7.96 32.42
C LEU A 186 0.02 9.39 32.05
N THR A 187 -1.04 9.90 32.67
CA THR A 187 -1.34 11.32 32.64
C THR A 187 -0.13 12.12 33.06
N VAL A 188 0.04 13.31 32.48
CA VAL A 188 1.15 14.20 32.82
C VAL A 188 0.55 15.48 33.37
N HIS A 189 0.88 15.79 34.63
CA HIS A 189 0.19 16.86 35.35
C HIS A 189 0.90 18.20 35.30
N ARG A 190 2.23 18.23 35.20
CA ARG A 190 2.92 19.50 34.97
C ARG A 190 3.91 19.30 33.83
N LYS A 191 4.18 20.37 33.08
CA LYS A 191 5.06 20.30 31.93
C LYS A 191 5.92 21.55 31.79
N TYR A 192 7.24 21.37 31.66
CA TYR A 192 8.14 22.50 31.44
C TYR A 192 8.95 22.30 30.15
N ASP A 193 9.29 23.45 29.54
CA ASP A 193 10.15 23.57 28.36
C ASP A 193 11.35 24.42 28.76
N LEU A 194 12.48 23.78 29.04
CA LEU A 194 13.64 24.45 29.60
C LEU A 194 14.74 24.54 28.55
N LYS A 195 15.34 25.74 28.42
CA LYS A 195 16.43 25.93 27.49
C LYS A 195 17.76 26.28 28.16
N GLY A 196 17.72 26.69 29.43
CA GLY A 196 18.95 27.10 30.10
C GLY A 196 19.47 28.45 29.68
N SER A 197 18.61 29.28 29.09
CA SER A 197 19.03 30.54 28.54
C SER A 197 19.23 31.56 29.66
N THR A 198 20.23 32.43 29.49
CA THR A 198 20.41 33.56 30.39
C THR A 198 19.15 34.43 30.43
N VAL A 199 18.46 34.56 29.30
CA VAL A 199 17.32 35.47 29.17
C VAL A 199 16.11 34.93 29.93
N ALA A 200 15.13 35.82 30.14
CA ALA A 200 13.93 35.50 30.93
C ALA A 200 12.92 34.80 30.03
N ARG A 201 12.97 33.47 30.04
CA ARG A 201 11.98 32.65 29.39
C ARG A 201 10.88 32.36 30.40
N GLU A 202 9.73 33.02 30.25
CA GLU A 202 8.60 32.88 31.16
C GLU A 202 7.35 32.64 30.33
N ALA A 203 6.42 31.85 30.90
CA ALA A 203 5.20 31.52 30.20
C ALA A 203 4.19 32.65 30.29
N SER A 204 3.61 33.00 29.13
CA SER A 204 2.61 34.04 29.00
C SER A 204 1.45 33.81 29.96
N ASP A 205 0.73 34.88 30.31
CA ASP A 205 -0.55 34.71 30.98
C ASP A 205 -1.49 33.89 30.13
N LYS A 206 -1.40 34.05 28.80
CA LYS A 206 -2.14 33.20 27.87
C LYS A 206 -1.79 31.72 28.11
N GLU A 207 -0.52 31.36 27.95
CA GLU A 207 -0.12 29.97 28.19
C GLU A 207 -0.53 29.51 29.58
N LYS A 208 -0.11 30.25 30.61
CA LYS A 208 -0.40 29.90 32.00
C LYS A 208 -1.90 29.77 32.28
N ALA A 209 -2.77 30.21 31.36
CA ALA A 209 -4.21 30.04 31.52
C ALA A 209 -4.78 28.82 30.81
N LYS A 210 -3.95 28.01 30.16
CA LYS A 210 -4.45 26.81 29.48
C LYS A 210 -4.71 25.69 30.49
N ASP A 211 -5.21 24.56 29.99
CA ASP A 211 -5.50 23.43 30.87
C ASP A 211 -4.23 22.73 31.31
N LEU A 212 -3.37 22.36 30.36
CA LEU A 212 -2.01 21.88 30.65
C LEU A 212 -1.01 22.84 30.00
N PRO A 213 -0.63 23.90 30.70
CA PRO A 213 0.33 24.85 30.13
C PRO A 213 1.74 24.27 30.11
N THR A 214 2.57 24.83 29.23
CA THR A 214 3.98 24.47 29.16
C THR A 214 4.78 25.60 29.79
N PHE A 215 5.23 25.36 31.01
CA PHE A 215 6.03 26.34 31.73
C PHE A 215 7.44 26.38 31.14
N LYS A 216 8.12 27.51 31.36
CA LYS A 216 9.47 27.74 30.84
C LYS A 216 10.43 27.83 32.03
N ASP A 217 11.64 28.31 31.76
CA ASP A 217 12.72 28.30 32.75
C ASP A 217 12.32 29.01 34.04
N ASN A 218 12.01 30.29 33.94
CA ASN A 218 11.82 31.09 35.15
C ASN A 218 10.60 30.63 35.94
N ASP A 219 9.63 30.01 35.29
CA ASP A 219 8.52 29.42 36.05
C ASP A 219 8.96 28.16 36.77
N PHE A 220 9.91 27.42 36.19
CA PHE A 220 10.46 26.27 36.88
C PHE A 220 11.25 26.68 38.12
N LEU A 221 11.93 27.83 38.04
CA LEU A 221 12.76 28.25 39.18
C LEU A 221 11.94 28.98 40.24
N ASN A 222 11.02 29.86 39.83
CA ASN A 222 10.20 30.58 40.80
C ASN A 222 9.22 29.66 41.51
N GLU A 223 9.07 28.41 41.06
CA GLU A 223 8.26 27.40 41.74
C GLU A 223 9.07 26.50 42.66
N GLY A 224 10.40 26.62 42.65
CA GLY A 224 11.23 25.75 43.47
C GLY A 224 11.12 24.28 43.13
N GLN A 225 10.76 23.95 41.89
CA GLN A 225 10.68 22.56 41.51
C GLN A 225 12.08 21.97 41.42
N LYS A 226 12.27 20.84 42.09
CA LYS A 226 13.35 19.90 41.82
C LYS A 226 12.72 18.54 41.62
N LEU A 227 13.51 17.61 41.10
CA LEU A 227 13.05 16.25 40.83
C LEU A 227 14.01 15.28 41.49
N HIS A 228 13.58 14.61 42.55
CA HIS A 228 14.45 13.62 43.20
C HIS A 228 14.33 12.31 42.43
N VAL A 229 15.41 11.94 41.73
CA VAL A 229 15.44 10.72 40.94
C VAL A 229 16.35 9.64 41.53
N GLY A 230 17.28 9.99 42.41
CA GLY A 230 18.13 8.87 42.80
C GLY A 230 19.41 8.79 41.99
N GLU A 231 20.49 8.44 42.68
CA GLU A 231 21.83 8.56 42.12
C GLU A 231 21.97 7.78 40.81
N GLU A 232 21.58 6.51 40.80
CA GLU A 232 21.85 5.69 39.61
C GLU A 232 21.24 6.31 38.35
N SER A 233 19.95 6.68 38.42
CA SER A 233 19.25 7.27 37.28
C SER A 233 19.75 8.68 36.99
N LYS A 234 20.04 9.45 38.03
CA LYS A 234 20.61 10.77 37.81
C LYS A 234 21.92 10.69 37.03
N LYS A 235 22.80 9.77 37.41
CA LYS A 235 24.07 9.64 36.68
C LYS A 235 23.84 9.16 35.26
N ASN A 236 23.01 8.13 35.06
CA ASN A 236 22.74 7.72 33.67
C ASN A 236 22.21 8.90 32.86
N PHE A 237 21.38 9.73 33.51
CA PHE A 237 20.78 10.86 32.83
C PHE A 237 21.82 11.89 32.43
N LEU A 238 22.64 12.35 33.39
CA LEU A 238 23.66 13.35 33.11
C LEU A 238 24.72 12.86 32.11
N GLU A 239 25.01 11.56 32.11
CA GLU A 239 25.93 11.03 31.09
C GLU A 239 25.28 11.02 29.71
N LYS A 240 24.02 10.57 29.64
CA LYS A 240 23.25 10.67 28.40
C LYS A 240 23.24 12.10 27.88
N LEU A 241 22.96 13.06 28.75
CA LEU A 241 22.76 14.44 28.32
C LEU A 241 24.07 15.07 27.88
N LYS A 242 25.17 14.82 28.61
CA LYS A 242 26.47 15.35 28.20
C LYS A 242 26.85 14.84 26.81
N ARG A 243 26.72 13.53 26.59
CA ARG A 243 26.98 12.99 25.27
C ARG A 243 26.12 13.70 24.21
N ASP A 244 24.80 13.76 24.45
CA ASP A 244 23.87 14.24 23.44
C ASP A 244 24.18 15.69 23.06
N VAL A 245 24.45 16.54 24.05
CA VAL A 245 24.55 17.95 23.72
C VAL A 245 25.96 18.30 23.21
N GLU A 246 26.97 17.47 23.51
CA GLU A 246 28.21 17.62 22.75
C GLU A 246 27.99 17.28 21.29
N PHE A 247 27.18 16.25 20.99
CA PHE A 247 26.86 15.93 19.61
C PHE A 247 26.15 17.10 18.90
N LEU A 248 25.17 17.70 19.57
CA LEU A 248 24.47 18.84 18.99
C LEU A 248 25.41 20.02 18.74
N ALA A 249 26.33 20.29 19.68
CA ALA A 249 27.30 21.35 19.46
C ALA A 249 28.21 21.04 18.26
N GLN A 250 28.70 19.80 18.18
CA GLN A 250 29.46 19.39 17.00
C GLN A 250 28.74 19.78 15.72
N LEU A 251 27.42 19.53 15.65
CA LEU A 251 26.69 19.86 14.42
C LEU A 251 26.20 21.31 14.32
N LYS A 252 26.60 22.20 15.25
CA LYS A 252 26.27 23.63 15.17
C LYS A 252 24.77 23.87 15.25
N ILE A 253 24.12 23.20 16.21
CA ILE A 253 22.67 23.18 16.36
C ILE A 253 22.31 23.96 17.63
N MET A 254 21.19 24.70 17.58
CA MET A 254 20.84 25.54 18.71
C MET A 254 19.33 25.67 18.86
N ASP A 255 18.93 26.34 19.93
CA ASP A 255 17.55 26.59 20.35
C ASP A 255 16.81 25.32 20.75
N TYR A 256 17.52 24.21 20.96
CA TYR A 256 16.87 22.99 21.41
C TYR A 256 16.47 23.12 22.87
N SER A 257 15.41 22.43 23.24
CA SER A 257 14.92 22.47 24.61
C SER A 257 15.01 21.09 25.23
N LEU A 258 14.94 21.07 26.57
CA LEU A 258 14.63 19.89 27.34
C LEU A 258 13.16 19.96 27.74
N LEU A 259 12.39 18.94 27.39
CA LEU A 259 11.01 18.80 27.83
C LEU A 259 10.99 17.92 29.07
N VAL A 260 10.33 18.39 30.12
CA VAL A 260 10.12 17.59 31.32
C VAL A 260 8.63 17.56 31.62
N GLY A 261 8.09 16.34 31.76
CA GLY A 261 6.75 16.13 32.26
C GLY A 261 6.79 15.44 33.61
N ILE A 262 5.94 15.92 34.52
CA ILE A 262 5.76 15.31 35.83
C ILE A 262 4.37 14.69 35.90
N HIS A 263 4.32 13.43 36.34
CA HIS A 263 3.12 12.66 36.60
C HIS A 263 3.04 12.39 38.09
N ASP A 264 1.95 12.85 38.72
CA ASP A 264 1.73 12.67 40.15
C ASP A 264 0.98 11.36 40.34
N VAL A 265 1.66 10.37 40.92
CA VAL A 265 1.06 9.05 41.08
C VAL A 265 -0.21 9.11 41.91
N ASP A 266 -0.14 9.79 43.06
CA ASP A 266 -1.31 9.90 43.94
C ASP A 266 -2.47 10.57 43.22
N ARG A 267 -2.21 11.68 42.54
CA ARG A 267 -3.29 12.36 41.82
C ARG A 267 -3.83 11.47 40.70
N ALA A 268 -2.95 10.71 40.03
CA ALA A 268 -3.41 9.78 39.03
C ALA A 268 -4.39 8.78 39.62
N GLU A 269 -4.04 8.23 40.78
CA GLU A 269 -4.95 7.30 41.44
C GLU A 269 -6.28 7.97 41.81
N GLN A 270 -6.22 9.18 42.36
CA GLN A 270 -7.45 9.90 42.71
C GLN A 270 -8.35 10.11 41.49
N GLU A 271 -7.79 10.64 40.40
CA GLU A 271 -8.58 10.87 39.18
C GLU A 271 -9.08 9.55 38.59
N GLU A 272 -8.23 8.52 38.57
CA GLU A 272 -8.65 7.20 38.12
C GLU A 272 -9.88 6.76 38.87
N MET A 273 -9.90 6.97 40.19
CA MET A 273 -11.02 6.53 41.00
C MET A 273 -12.22 7.46 40.86
N GLU A 274 -12.00 8.75 40.61
CA GLU A 274 -13.12 9.66 40.33
C GLU A 274 -13.78 9.34 38.99
N VAL A 275 -13.03 8.74 38.06
CA VAL A 275 -13.58 8.21 36.82
C VAL A 275 -14.33 6.91 37.06
N GLU A 276 -13.72 5.96 37.77
CA GLU A 276 -14.38 4.67 38.02
C GLU A 276 -15.58 4.81 38.96
N GLU A 277 -15.66 5.90 39.73
CA GLU A 277 -16.79 6.12 40.63
C GLU A 277 -17.98 6.70 39.91
N ARG A 278 -17.76 7.40 38.78
CA ARG A 278 -18.85 7.93 37.99
C ARG A 278 -19.82 6.83 37.59
N ALA A 279 -19.36 5.59 37.53
CA ALA A 279 -20.24 4.43 37.40
C ALA A 279 -20.71 3.92 38.79
N GLY A 315 1.12 -1.77 37.41
CA GLY A 315 0.98 -1.15 38.73
C GLY A 315 0.48 0.29 38.76
N PRO A 316 0.49 0.92 39.98
CA PRO A 316 0.24 2.37 40.06
C PRO A 316 1.53 3.16 40.06
N GLY A 317 1.69 4.08 39.11
CA GLY A 317 2.99 4.72 38.94
C GLY A 317 4.07 3.79 38.40
N GLU A 318 3.67 2.68 37.79
CA GLU A 318 4.59 1.72 37.21
C GLU A 318 4.52 1.86 35.69
N PHE A 319 5.69 2.00 35.05
CA PHE A 319 5.76 2.19 33.61
C PHE A 319 6.68 1.17 32.97
N ASP A 320 6.56 1.04 31.66
CA ASP A 320 7.33 0.08 30.89
C ASP A 320 8.46 0.83 30.18
N PRO A 321 9.72 0.70 30.63
CA PRO A 321 10.79 1.50 30.01
C PRO A 321 11.11 1.08 28.59
N SER A 322 10.55 -0.02 28.11
CA SER A 322 10.74 -0.36 26.71
C SER A 322 9.92 0.54 25.77
N VAL A 323 8.85 1.19 26.26
CA VAL A 323 8.04 2.15 25.48
C VAL A 323 8.16 3.59 26.02
N ASP A 324 7.90 3.78 27.29
CA ASP A 324 8.15 5.06 27.93
C ASP A 324 9.63 5.18 28.28
N VAL A 325 10.41 5.45 27.23
CA VAL A 325 11.86 5.31 27.31
C VAL A 325 12.52 6.46 28.05
N TYR A 326 11.86 7.63 28.14
CA TYR A 326 12.42 8.77 28.85
C TYR A 326 11.96 8.84 30.31
N ALA A 327 11.33 7.77 30.80
CA ALA A 327 10.62 7.80 32.07
C ALA A 327 11.53 7.36 33.21
N MET A 328 11.40 8.03 34.35
CA MET A 328 12.17 7.73 35.56
C MET A 328 11.27 7.84 36.79
N LYS A 329 11.28 6.81 37.63
CA LYS A 329 10.62 6.89 38.93
C LYS A 329 11.44 7.75 39.89
N SER A 330 10.73 8.40 40.82
CA SER A 330 11.35 9.22 41.87
C SER A 330 11.96 8.37 42.99
N HIS A 331 12.86 8.98 43.76
CA HIS A 331 13.65 8.25 44.75
C HIS A 331 12.74 7.63 45.83
N GLU A 332 13.19 6.47 46.34
CA GLU A 332 12.48 5.81 47.43
C GLU A 332 12.18 6.79 48.56
N SER A 333 13.20 7.51 49.04
CA SER A 333 13.01 8.50 50.09
C SER A 333 12.81 9.88 49.45
N SER A 334 11.59 10.12 48.98
CA SER A 334 11.25 11.34 48.26
C SER A 334 9.85 11.80 48.65
N PRO A 335 9.57 13.12 48.51
CA PRO A 335 8.33 13.70 49.10
C PRO A 335 7.03 13.14 48.54
N LYS A 336 6.80 13.27 47.25
CA LYS A 336 5.63 12.70 46.60
C LYS A 336 6.11 11.59 45.66
N LYS A 337 5.28 10.55 45.50
CA LYS A 337 5.56 9.54 44.48
C LYS A 337 5.26 10.15 43.11
N GLU A 338 6.31 10.31 42.28
CA GLU A 338 6.21 10.98 40.99
C GLU A 338 6.88 10.12 39.93
N VAL A 339 6.54 10.37 38.67
CA VAL A 339 7.26 9.81 37.53
C VAL A 339 7.60 10.96 36.60
N TYR A 340 8.83 11.01 36.11
CA TYR A 340 9.23 12.08 35.23
C TYR A 340 9.50 11.54 33.84
N PHE A 341 9.25 12.38 32.84
CA PHE A 341 9.67 12.15 31.47
C PHE A 341 10.52 13.33 31.05
N MET A 342 11.71 13.07 30.50
CA MET A 342 12.67 14.12 30.22
C MET A 342 13.38 13.75 28.93
N ALA A 343 13.37 14.65 27.95
CA ALA A 343 14.09 14.38 26.71
C ALA A 343 14.41 15.70 26.04
N ILE A 344 15.33 15.65 25.07
CA ILE A 344 15.69 16.81 24.28
C ILE A 344 14.77 16.86 23.05
N ILE A 345 14.39 18.08 22.64
CA ILE A 345 13.41 18.30 21.58
C ILE A 345 13.85 19.53 20.79
N ASP A 346 13.33 19.65 19.55
N ASP A 346 13.33 19.64 19.55
CA ASP A 346 13.50 20.84 18.71
CA ASP A 346 13.52 20.83 18.71
C ASP A 346 14.94 20.98 18.20
C ASP A 346 14.96 20.98 18.23
N ILE A 347 15.52 19.89 17.69
CA ILE A 347 16.92 19.91 17.25
C ILE A 347 17.12 20.03 15.74
N LEU A 348 16.29 20.80 15.02
CA LEU A 348 16.46 20.89 13.57
C LEU A 348 16.78 22.31 13.09
N THR A 349 17.33 23.15 13.95
CA THR A 349 17.53 24.57 13.61
C THR A 349 19.01 24.93 13.67
N PRO A 350 19.69 25.12 12.54
CA PRO A 350 21.13 25.33 12.53
C PRO A 350 21.50 26.77 12.84
N TYR A 351 22.80 26.98 13.05
CA TYR A 351 23.34 28.32 13.30
C TYR A 351 23.73 28.98 11.98
N VAL A 375 25.36 34.03 21.16
CA VAL A 375 25.52 32.68 21.70
C VAL A 375 25.92 31.67 20.63
N ASN A 376 26.97 30.91 20.92
CA ASN A 376 27.52 29.89 20.03
C ASN A 376 26.86 28.55 20.29
N PRO A 377 27.08 27.56 19.41
CA PRO A 377 26.61 26.21 19.75
C PRO A 377 27.32 25.59 20.94
N GLU A 378 28.64 25.73 21.04
CA GLU A 378 29.35 25.23 22.23
C GLU A 378 28.91 25.98 23.48
N GLN A 379 28.74 27.30 23.36
CA GLN A 379 28.19 28.08 24.47
C GLN A 379 26.77 27.64 24.83
N TYR A 380 25.95 27.32 23.82
CA TYR A 380 24.59 26.85 24.09
C TYR A 380 24.63 25.53 24.83
N SER A 381 25.45 24.59 24.37
CA SER A 381 25.71 23.35 25.09
C SER A 381 26.07 23.62 26.54
N LYS A 382 27.03 24.53 26.77
CA LYS A 382 27.48 24.80 28.13
C LYS A 382 26.34 25.29 29.01
N ARG A 383 25.65 26.37 28.58
CA ARG A 383 24.58 26.93 29.41
C ARG A 383 23.46 25.92 29.62
N PHE A 384 23.09 25.19 28.57
CA PHE A 384 22.05 24.16 28.65
C PHE A 384 22.39 23.11 29.71
N ASN A 385 23.55 22.47 29.57
CA ASN A 385 23.95 21.43 30.51
C ASN A 385 24.09 21.95 31.94
N GLU A 386 24.66 23.16 32.11
CA GLU A 386 24.79 23.71 33.45
C GLU A 386 23.42 23.90 34.08
N PHE A 387 22.41 24.29 33.29
CA PHE A 387 21.07 24.45 33.84
C PHE A 387 20.44 23.11 34.18
N MET A 388 20.49 22.15 33.24
CA MET A 388 19.78 20.89 33.42
C MET A 388 20.41 20.05 34.52
N SER A 389 21.71 20.21 34.77
CA SER A 389 22.36 19.50 35.87
C SER A 389 21.63 19.71 37.18
N ASN A 390 21.36 20.97 37.53
CA ASN A 390 20.79 21.27 38.85
C ASN A 390 19.28 21.23 38.89
N ILE A 391 18.62 20.78 37.82
CA ILE A 391 17.16 20.63 37.88
C ILE A 391 16.76 19.34 38.56
N LEU A 392 17.70 18.47 38.86
CA LEU A 392 17.36 17.20 39.46
C LEU A 392 18.36 16.84 40.56
N THR A 393 17.84 16.31 41.65
CA THR A 393 18.64 15.86 42.76
C THR A 393 18.30 14.41 43.08
N VAL B 10 7.50 -11.49 0.72
CA VAL B 10 8.29 -10.40 0.15
C VAL B 10 8.25 -10.47 -1.38
N LYS B 11 7.34 -9.69 -1.96
CA LYS B 11 7.13 -9.68 -3.42
C LYS B 11 8.17 -8.79 -4.06
N LEU B 12 9.31 -9.37 -4.44
CA LEU B 12 10.12 -8.74 -5.47
C LEU B 12 9.33 -8.84 -6.76
N PHE B 13 9.13 -7.73 -7.43
CA PHE B 13 8.40 -7.81 -8.69
C PHE B 13 9.38 -8.10 -9.84
N ARG B 14 10.07 -9.23 -9.72
CA ARG B 14 11.11 -9.60 -10.68
C ARG B 14 10.45 -10.21 -11.90
N ALA B 15 10.72 -9.62 -13.07
CA ALA B 15 9.99 -9.98 -14.27
C ALA B 15 10.94 -10.08 -15.47
N SER B 16 10.47 -10.81 -16.48
CA SER B 16 11.25 -10.98 -17.71
C SER B 16 11.62 -9.64 -18.33
N GLU B 17 10.84 -8.59 -18.08
CA GLU B 17 11.11 -7.24 -18.58
C GLU B 17 10.32 -6.25 -17.72
N PRO B 18 10.62 -4.94 -17.82
CA PRO B 18 10.11 -4.02 -16.78
C PRO B 18 8.61 -3.80 -16.80
N ILE B 19 7.96 -3.92 -17.95
CA ILE B 19 6.54 -3.67 -17.99
C ILE B 19 5.76 -4.75 -17.23
N LEU B 20 6.32 -5.95 -17.14
CA LEU B 20 5.69 -6.99 -16.35
C LEU B 20 5.83 -6.71 -14.86
N SER B 21 6.98 -6.16 -14.45
CA SER B 21 7.16 -5.71 -13.09
C SER B 21 6.12 -4.67 -12.74
N VAL B 22 5.82 -3.77 -13.67
CA VAL B 22 4.82 -2.74 -13.41
C VAL B 22 3.42 -3.35 -13.34
N LEU B 23 3.12 -4.29 -14.23
CA LEU B 23 1.83 -4.96 -14.15
C LEU B 23 1.66 -5.62 -12.78
N MET B 24 2.70 -6.33 -12.32
CA MET B 24 2.63 -7.01 -11.02
C MET B 24 2.46 -6.01 -9.90
N TRP B 25 3.30 -4.97 -9.89
CA TRP B 25 3.20 -3.95 -8.86
C TRP B 25 1.82 -3.30 -8.85
N GLY B 26 1.27 -3.02 -10.02
CA GLY B 26 -0.02 -2.34 -10.15
C GLY B 26 -1.20 -3.19 -9.72
N VAL B 27 -1.21 -4.47 -10.11
CA VAL B 27 -2.31 -5.32 -9.67
C VAL B 27 -2.22 -5.56 -8.17
N ASN B 28 -1.02 -5.79 -7.66
CA ASN B 28 -0.84 -5.84 -6.21
C ASN B 28 -1.38 -4.58 -5.53
N HIS B 29 -0.99 -3.40 -6.05
CA HIS B 29 -1.38 -2.13 -5.43
C HIS B 29 -2.89 -1.93 -5.44
N THR B 30 -3.49 -2.03 -6.63
CA THR B 30 -4.90 -1.75 -6.76
C THR B 30 -5.73 -2.77 -5.99
N ILE B 31 -5.28 -4.03 -5.93
CA ILE B 31 -6.14 -5.01 -5.25
C ILE B 31 -6.08 -4.79 -3.74
N ASN B 32 -4.92 -4.36 -3.19
CA ASN B 32 -4.90 -4.00 -1.77
C ASN B 32 -5.77 -2.77 -1.51
N GLU B 33 -5.57 -1.73 -2.32
CA GLU B 33 -6.34 -0.52 -2.16
C GLU B 33 -7.82 -0.85 -2.15
N LEU B 34 -8.24 -1.76 -3.05
CA LEU B 34 -9.64 -2.14 -3.10
C LEU B 34 -10.06 -2.86 -1.83
N SER B 35 -9.17 -3.65 -1.25
CA SER B 35 -9.54 -4.31 0.00
C SER B 35 -9.81 -3.31 1.10
N ASN B 36 -9.37 -2.06 0.94
CA ASN B 36 -9.80 -1.04 1.90
C ASN B 36 -10.99 -0.22 1.42
N VAL B 37 -11.68 -0.62 0.35
CA VAL B 37 -12.86 0.05 -0.18
C VAL B 37 -14.05 -0.87 0.03
N PRO B 38 -15.09 -0.46 0.75
CA PRO B 38 -16.21 -1.36 1.03
C PRO B 38 -16.93 -1.81 -0.25
N VAL B 39 -17.44 -3.03 -0.19
CA VAL B 39 -18.28 -3.60 -1.23
C VAL B 39 -19.62 -2.88 -1.19
N PRO B 40 -20.08 -2.26 -2.27
CA PRO B 40 -21.34 -1.52 -2.24
C PRO B 40 -22.54 -2.44 -2.33
N VAL B 41 -23.73 -1.88 -2.07
CA VAL B 41 -24.95 -2.66 -2.23
C VAL B 41 -25.26 -2.88 -3.70
N MET B 42 -24.83 -1.95 -4.54
CA MET B 42 -25.07 -2.01 -5.97
C MET B 42 -24.02 -1.14 -6.64
N LEU B 43 -23.73 -1.43 -7.90
CA LEU B 43 -22.86 -0.53 -8.63
C LEU B 43 -23.65 0.71 -9.00
N MET B 44 -22.94 1.80 -9.24
CA MET B 44 -23.60 3.04 -9.60
C MET B 44 -23.08 3.42 -10.97
N PRO B 45 -23.81 4.24 -11.72
CA PRO B 45 -23.32 4.62 -13.06
C PRO B 45 -21.93 5.26 -13.05
N ASP B 46 -21.57 6.01 -12.00
CA ASP B 46 -20.25 6.65 -11.99
C ASP B 46 -19.15 5.62 -11.89
N ASP B 47 -19.44 4.49 -11.27
CA ASP B 47 -18.52 3.38 -11.28
C ASP B 47 -18.16 2.95 -12.70
N PHE B 48 -19.09 3.14 -13.65
CA PHE B 48 -18.84 2.80 -15.05
C PHE B 48 -18.06 3.87 -15.78
N LYS B 49 -17.81 5.02 -15.15
CA LYS B 49 -16.96 6.05 -15.74
C LYS B 49 -15.75 6.34 -14.89
N ALA B 50 -15.38 5.48 -13.95
CA ALA B 50 -14.37 5.85 -12.98
C ALA B 50 -13.04 5.19 -13.27
N TYR B 51 -11.98 5.75 -12.70
CA TYR B 51 -10.66 5.15 -12.89
C TYR B 51 -9.78 5.47 -11.68
N SER B 52 -8.81 4.59 -11.44
CA SER B 52 -7.74 4.85 -10.50
C SER B 52 -6.47 5.19 -11.26
N LYS B 53 -5.70 6.16 -10.76
CA LYS B 53 -4.43 6.54 -11.36
C LYS B 53 -3.41 6.79 -10.24
N ILE B 54 -2.26 6.12 -10.31
CA ILE B 54 -1.13 6.32 -9.40
C ILE B 54 0.14 6.56 -10.23
N LYS B 55 0.91 7.59 -9.86
CA LYS B 55 2.17 7.92 -10.51
C LYS B 55 3.30 7.76 -9.50
N VAL B 56 4.22 6.85 -9.78
CA VAL B 56 5.32 6.49 -8.90
C VAL B 56 6.59 7.16 -9.39
N ASP B 57 7.32 7.78 -8.47
CA ASP B 57 8.48 8.61 -8.77
C ASP B 57 9.54 8.36 -7.68
N ASN B 58 10.23 7.25 -7.78
CA ASN B 58 11.22 6.89 -6.77
C ASN B 58 12.63 7.33 -7.21
N HIS B 59 13.45 7.70 -6.23
CA HIS B 59 14.79 8.17 -6.49
C HIS B 59 15.74 7.44 -5.55
N LEU B 60 16.64 6.62 -6.11
CA LEU B 60 17.59 5.84 -5.33
C LEU B 60 16.90 4.85 -4.39
N PHE B 61 15.73 4.35 -4.80
CA PHE B 61 14.90 3.56 -3.89
C PHE B 61 14.08 2.53 -4.65
N ASN B 62 14.26 1.25 -4.33
CA ASN B 62 13.41 0.17 -4.82
C ASN B 62 13.52 -0.03 -6.32
N LYS B 63 14.60 0.47 -6.92
CA LYS B 63 14.86 0.33 -8.35
C LYS B 63 15.44 -1.04 -8.70
N GLU B 64 15.56 -1.96 -7.74
CA GLU B 64 16.15 -3.26 -8.02
C GLU B 64 15.36 -3.99 -9.10
N ASN B 65 14.07 -4.15 -8.90
CA ASN B 65 13.21 -4.73 -9.93
C ASN B 65 12.22 -3.74 -10.50
N LEU B 66 11.78 -2.76 -9.75
CA LEU B 66 10.86 -1.87 -10.45
C LEU B 66 11.63 -0.78 -11.17
N PRO B 67 11.03 -0.21 -12.22
CA PRO B 67 11.48 1.11 -12.66
C PRO B 67 11.30 2.12 -11.55
N SER B 68 11.94 3.26 -11.74
CA SER B 68 11.90 4.35 -10.78
C SER B 68 10.75 5.31 -11.02
N ARG B 69 10.35 5.52 -12.26
CA ARG B 69 9.22 6.34 -12.63
C ARG B 69 8.29 5.50 -13.49
N PHE B 70 7.02 5.44 -13.09
CA PHE B 70 6.04 4.71 -13.88
C PHE B 70 4.64 5.15 -13.45
N LYS B 71 3.66 4.89 -14.31
CA LYS B 71 2.26 5.22 -14.02
C LYS B 71 1.40 3.99 -14.22
N PHE B 72 0.39 3.84 -13.37
CA PHE B 72 -0.56 2.74 -13.44
C PHE B 72 -1.98 3.30 -13.29
N LYS B 73 -2.86 2.95 -14.22
CA LYS B 73 -4.26 3.35 -14.23
C LYS B 73 -5.13 2.09 -14.32
N GLU B 74 -6.19 2.02 -13.52
CA GLU B 74 -7.14 0.92 -13.58
C GLU B 74 -8.52 1.47 -13.90
N TYR B 75 -9.13 0.95 -14.96
CA TYR B 75 -10.41 1.46 -15.42
C TYR B 75 -11.52 0.77 -14.63
N CYS B 76 -12.53 1.55 -14.19
CA CYS B 76 -13.66 1.07 -13.40
C CYS B 76 -13.25 -0.01 -12.37
N PRO B 77 -12.49 0.37 -11.34
CA PRO B 77 -12.16 -0.65 -10.33
C PRO B 77 -13.36 -1.33 -9.67
N MET B 78 -14.42 -0.58 -9.33
CA MET B 78 -15.59 -1.22 -8.73
C MET B 78 -16.29 -2.18 -9.68
N VAL B 79 -16.40 -1.83 -10.97
CA VAL B 79 -17.13 -2.72 -11.87
C VAL B 79 -16.38 -4.03 -12.04
N PHE B 80 -15.06 -3.96 -12.16
CA PHE B 80 -14.28 -5.17 -12.41
C PHE B 80 -14.07 -5.97 -11.14
N ARG B 81 -14.04 -5.33 -9.96
CA ARG B 81 -14.10 -6.13 -8.75
C ARG B 81 -15.43 -6.88 -8.65
N ASN B 82 -16.55 -6.23 -9.01
CA ASN B 82 -17.80 -6.94 -8.97
C ASN B 82 -17.82 -8.11 -9.97
N LEU B 83 -17.38 -7.86 -11.21
CA LEU B 83 -17.32 -8.94 -12.19
C LEU B 83 -16.47 -10.10 -11.64
N ARG B 84 -15.26 -9.79 -11.16
CA ARG B 84 -14.42 -10.80 -10.52
C ARG B 84 -15.25 -11.62 -9.55
N GLU B 85 -16.13 -10.95 -8.79
CA GLU B 85 -16.93 -11.66 -7.80
C GLU B 85 -17.93 -12.58 -8.47
N ARG B 86 -18.68 -12.05 -9.43
CA ARG B 86 -19.73 -12.79 -10.10
C ARG B 86 -19.20 -13.97 -10.87
N PHE B 87 -17.94 -13.93 -11.29
CA PHE B 87 -17.30 -15.05 -11.95
C PHE B 87 -16.70 -16.05 -10.96
N GLY B 88 -16.86 -15.80 -9.66
CA GLY B 88 -16.37 -16.71 -8.65
C GLY B 88 -14.87 -16.66 -8.41
N ILE B 89 -14.23 -15.53 -8.66
CA ILE B 89 -12.80 -15.37 -8.47
C ILE B 89 -12.57 -14.50 -7.23
N ASP B 90 -11.84 -15.04 -6.27
CA ASP B 90 -11.51 -14.27 -5.09
C ASP B 90 -10.42 -13.25 -5.47
N ASP B 91 -10.49 -12.05 -4.88
CA ASP B 91 -9.52 -10.99 -5.21
C ASP B 91 -8.11 -11.37 -4.81
N GLN B 92 -7.94 -12.10 -3.70
CA GLN B 92 -6.58 -12.43 -3.33
C GLN B 92 -5.99 -13.48 -4.26
N ASP B 93 -6.84 -14.31 -4.88
CA ASP B 93 -6.33 -15.29 -5.83
C ASP B 93 -5.87 -14.62 -7.10
N TYR B 94 -6.65 -13.66 -7.61
CA TYR B 94 -6.25 -12.85 -8.76
C TYR B 94 -4.88 -12.19 -8.51
N GLN B 95 -4.76 -11.50 -7.37
CA GLN B 95 -3.53 -10.83 -7.00
C GLN B 95 -2.34 -11.79 -6.89
N ASN B 96 -2.57 -12.99 -6.32
CA ASN B 96 -1.50 -13.99 -6.23
C ASN B 96 -1.10 -14.50 -7.61
N SER B 97 -2.07 -14.72 -8.48
CA SER B 97 -1.73 -15.21 -9.80
C SER B 97 -0.90 -14.20 -10.57
N VAL B 98 -1.07 -12.90 -10.28
CA VAL B 98 -0.29 -11.92 -11.04
C VAL B 98 1.05 -11.57 -10.38
N THR B 99 1.13 -11.59 -9.05
CA THR B 99 2.34 -11.08 -8.39
C THR B 99 3.26 -12.17 -7.86
N ARG B 100 2.76 -13.39 -7.65
CA ARG B 100 3.64 -14.39 -7.06
C ARG B 100 4.77 -14.75 -8.02
N SER B 101 4.53 -14.70 -9.33
CA SER B 101 5.58 -14.95 -10.29
C SER B 101 5.26 -14.21 -11.58
N ALA B 102 6.30 -13.62 -12.20
CA ALA B 102 6.13 -12.86 -13.43
C ALA B 102 5.26 -13.62 -14.41
N PRO B 103 4.39 -12.93 -15.17
CA PRO B 103 3.65 -13.61 -16.25
C PRO B 103 4.56 -14.03 -17.39
N ILE B 104 4.04 -14.94 -18.22
CA ILE B 104 4.83 -15.71 -19.17
C ILE B 104 4.21 -15.58 -20.56
N ASN B 105 5.00 -15.94 -21.57
CA ASN B 105 4.56 -15.88 -22.97
C ASN B 105 4.17 -17.26 -23.50
N ARG B 115 0.32 -9.03 -28.60
CA ARG B 115 1.07 -9.65 -27.50
C ARG B 115 0.14 -10.30 -26.43
N PHE B 116 0.57 -11.47 -25.94
CA PHE B 116 -0.30 -12.38 -25.20
C PHE B 116 0.52 -12.99 -24.08
N LEU B 117 0.03 -12.85 -22.85
CA LEU B 117 0.66 -13.43 -21.68
C LEU B 117 -0.34 -14.29 -20.95
N THR B 118 0.18 -15.16 -20.09
CA THR B 118 -0.61 -15.76 -19.03
C THR B 118 0.13 -15.56 -17.71
N THR B 119 -0.62 -15.57 -16.63
CA THR B 119 -0.03 -15.59 -15.32
C THR B 119 0.76 -16.90 -15.13
N TYR B 120 1.75 -16.86 -14.22
CA TYR B 120 2.67 -18.00 -14.04
C TYR B 120 1.91 -19.30 -13.92
N ASP B 121 0.72 -19.27 -13.33
CA ASP B 121 -0.06 -20.46 -13.08
C ASP B 121 -1.07 -20.74 -14.18
N ARG B 122 -0.93 -20.06 -15.32
CA ARG B 122 -1.78 -20.22 -16.52
C ARG B 122 -3.26 -20.00 -16.23
N ARG B 123 -3.62 -19.33 -15.13
CA ARG B 123 -5.04 -19.19 -14.77
C ARG B 123 -5.75 -18.06 -15.53
N PHE B 124 -5.03 -17.01 -15.92
CA PHE B 124 -5.60 -15.84 -16.56
C PHE B 124 -4.68 -15.39 -17.69
N VAL B 125 -5.26 -14.80 -18.73
CA VAL B 125 -4.49 -14.31 -19.85
C VAL B 125 -4.57 -12.79 -19.85
N ILE B 126 -3.44 -12.17 -20.14
CA ILE B 126 -3.28 -10.72 -20.19
C ILE B 126 -3.01 -10.36 -21.65
N LYS B 127 -3.96 -9.69 -22.29
CA LYS B 127 -3.84 -9.34 -23.69
C LYS B 127 -3.59 -7.83 -23.78
N THR B 128 -2.56 -7.46 -24.58
CA THR B 128 -2.34 -6.06 -24.90
C THR B 128 -3.35 -5.63 -25.96
N VAL B 129 -3.98 -4.47 -25.75
CA VAL B 129 -5.09 -4.03 -26.60
C VAL B 129 -4.82 -2.59 -27.01
N SER B 130 -5.69 -2.07 -27.89
CA SER B 130 -5.54 -0.72 -28.41
C SER B 130 -6.40 0.27 -27.64
N SER B 131 -6.10 1.55 -27.82
CA SER B 131 -6.95 2.59 -27.25
C SER B 131 -8.38 2.45 -27.75
N GLU B 132 -8.55 2.10 -29.02
CA GLU B 132 -9.90 1.88 -29.53
C GLU B 132 -10.59 0.77 -28.74
N ASP B 133 -9.88 -0.32 -28.42
CA ASP B 133 -10.48 -1.42 -27.67
C ASP B 133 -10.91 -1.01 -26.27
N VAL B 134 -10.09 -0.18 -25.61
CA VAL B 134 -10.46 0.33 -24.28
C VAL B 134 -11.72 1.21 -24.38
N ALA B 135 -11.79 2.09 -25.39
CA ALA B 135 -13.01 2.87 -25.58
C ALA B 135 -14.21 1.98 -25.86
N GLU B 136 -14.02 0.94 -26.67
CA GLU B 136 -15.13 0.05 -27.01
C GLU B 136 -15.66 -0.66 -25.77
N MET B 137 -14.75 -1.19 -24.93
CA MET B 137 -15.21 -1.80 -23.70
C MET B 137 -15.93 -0.79 -22.82
N HIS B 138 -15.44 0.44 -22.75
CA HIS B 138 -16.17 1.43 -21.99
C HIS B 138 -17.58 1.62 -22.54
N ASN B 139 -17.76 1.48 -23.85
CA ASN B 139 -19.10 1.63 -24.39
C ASN B 139 -19.97 0.43 -24.06
N ILE B 140 -19.42 -0.77 -24.07
CA ILE B 140 -20.26 -1.96 -23.82
C ILE B 140 -20.43 -2.32 -22.35
N LEU B 141 -19.69 -1.68 -21.43
CA LEU B 141 -19.50 -2.25 -20.09
C LEU B 141 -20.80 -2.37 -19.28
N LYS B 142 -21.67 -1.35 -19.27
CA LYS B 142 -22.87 -1.48 -18.43
C LYS B 142 -23.79 -2.57 -18.96
N LYS B 143 -23.99 -2.64 -20.28
CA LYS B 143 -24.83 -3.71 -20.81
C LYS B 143 -24.18 -5.08 -20.60
N TYR B 144 -22.85 -5.16 -20.72
CA TYR B 144 -22.15 -6.43 -20.50
C TYR B 144 -22.30 -6.88 -19.05
N HIS B 145 -22.10 -5.96 -18.11
CA HIS B 145 -22.26 -6.30 -16.70
C HIS B 145 -23.69 -6.74 -16.38
N GLN B 146 -24.68 -5.98 -16.86
CA GLN B 146 -26.07 -6.39 -16.63
C GLN B 146 -26.35 -7.77 -17.20
N PHE B 147 -25.80 -8.04 -18.40
CA PHE B 147 -25.94 -9.36 -19.00
C PHE B 147 -25.32 -10.44 -18.13
N ILE B 148 -24.21 -10.14 -17.49
CA ILE B 148 -23.58 -11.17 -16.69
C ILE B 148 -24.35 -11.41 -15.41
N VAL B 149 -24.97 -10.35 -14.88
CA VAL B 149 -25.91 -10.51 -13.79
C VAL B 149 -27.02 -11.48 -14.18
N GLU B 150 -27.67 -11.22 -15.33
CA GLU B 150 -28.79 -12.05 -15.79
C GLU B 150 -28.39 -13.46 -16.21
N CYS B 151 -27.11 -13.74 -16.44
CA CYS B 151 -26.63 -15.10 -16.70
C CYS B 151 -26.27 -15.85 -15.43
N HIS B 152 -26.16 -15.15 -14.31
CA HIS B 152 -25.46 -15.71 -13.16
C HIS B 152 -24.11 -16.26 -13.63
N GLY B 153 -23.44 -15.48 -14.47
CA GLY B 153 -22.11 -15.82 -14.94
C GLY B 153 -22.04 -17.06 -15.82
N ASN B 154 -23.18 -17.69 -16.10
CA ASN B 154 -23.18 -18.88 -16.96
C ASN B 154 -23.20 -18.41 -18.41
N THR B 155 -22.02 -18.33 -19.02
CA THR B 155 -21.91 -17.74 -20.35
C THR B 155 -20.55 -18.08 -20.95
N LEU B 156 -20.50 -18.03 -22.28
CA LEU B 156 -19.32 -18.33 -23.06
C LEU B 156 -18.58 -17.08 -23.51
N LEU B 157 -19.07 -15.89 -23.17
CA LEU B 157 -18.36 -14.66 -23.46
C LEU B 157 -17.05 -14.59 -22.71
N PRO B 158 -16.12 -13.76 -23.16
CA PRO B 158 -14.92 -13.51 -22.35
C PRO B 158 -15.32 -12.99 -20.98
N GLN B 159 -14.64 -13.49 -19.94
CA GLN B 159 -14.83 -12.99 -18.57
C GLN B 159 -13.72 -11.99 -18.28
N PHE B 160 -14.08 -10.71 -18.30
CA PHE B 160 -13.15 -9.61 -18.05
C PHE B 160 -12.95 -9.45 -16.55
N LEU B 161 -11.69 -9.48 -16.09
CA LEU B 161 -11.39 -9.38 -14.68
C LEU B 161 -10.76 -8.05 -14.29
N GLY B 162 -10.24 -7.30 -15.27
CA GLY B 162 -9.53 -6.05 -15.04
C GLY B 162 -9.07 -5.41 -16.35
N MET B 163 -8.86 -4.10 -16.32
CA MET B 163 -8.41 -3.38 -17.50
C MET B 163 -7.52 -2.23 -17.06
N TYR B 164 -6.30 -2.19 -17.59
CA TYR B 164 -5.27 -1.32 -17.03
C TYR B 164 -4.55 -0.58 -18.15
N ARG B 165 -4.12 0.64 -17.85
CA ARG B 165 -3.14 1.34 -18.66
C ARG B 165 -1.85 1.42 -17.85
N LEU B 166 -0.75 1.03 -18.45
CA LEU B 166 0.57 1.19 -17.85
C LEU B 166 1.35 2.21 -18.64
N THR B 167 2.16 3.01 -17.95
CA THR B 167 3.05 3.97 -18.58
C THR B 167 4.47 3.71 -18.07
N VAL B 168 5.33 3.25 -18.97
CA VAL B 168 6.72 2.95 -18.70
C VAL B 168 7.57 3.67 -19.72
N ASP B 169 8.53 4.48 -19.24
CA ASP B 169 9.45 5.20 -20.11
C ASP B 169 8.73 6.07 -21.12
N GLY B 170 7.56 6.59 -20.75
CA GLY B 170 6.81 7.49 -21.57
C GLY B 170 5.79 6.84 -22.50
N VAL B 171 5.92 5.55 -22.79
CA VAL B 171 4.97 4.88 -23.67
C VAL B 171 3.86 4.24 -22.87
N GLU B 172 2.63 4.44 -23.32
CA GLU B 172 1.44 3.85 -22.72
C GLU B 172 1.14 2.50 -23.35
N THR B 173 0.75 1.54 -22.51
CA THR B 173 0.38 0.17 -22.87
C THR B 173 -0.94 -0.16 -22.19
N TYR B 174 -1.90 -0.72 -22.94
CA TYR B 174 -3.25 -1.01 -22.43
C TYR B 174 -3.46 -2.51 -22.26
N MET B 175 -4.05 -2.94 -21.13
CA MET B 175 -4.19 -4.37 -20.95
C MET B 175 -5.57 -4.78 -20.47
N VAL B 176 -6.04 -5.93 -20.97
CA VAL B 176 -7.29 -6.53 -20.54
C VAL B 176 -7.01 -7.94 -20.06
N VAL B 177 -7.36 -8.20 -18.79
CA VAL B 177 -7.18 -9.50 -18.14
C VAL B 177 -8.47 -10.31 -18.27
N THR B 178 -8.37 -11.54 -18.78
CA THR B 178 -9.53 -12.39 -18.92
C THR B 178 -9.21 -13.76 -18.34
N ARG B 179 -10.26 -14.49 -17.99
CA ARG B 179 -10.07 -15.86 -17.58
C ARG B 179 -9.76 -16.73 -18.79
N ASN B 180 -8.69 -17.52 -18.64
CA ASN B 180 -8.20 -18.38 -19.71
C ASN B 180 -9.30 -19.31 -20.21
N VAL B 181 -9.39 -19.42 -21.54
CA VAL B 181 -10.29 -20.38 -22.17
C VAL B 181 -9.78 -21.79 -21.94
N LEU B 182 -8.49 -22.03 -22.20
CA LEU B 182 -7.84 -23.34 -22.09
C LEU B 182 -7.57 -23.70 -20.63
N SER B 183 -7.26 -24.96 -20.39
CA SER B 183 -6.99 -25.38 -19.02
C SER B 183 -5.61 -24.90 -18.60
N HIS B 184 -5.52 -24.48 -17.34
CA HIS B 184 -4.28 -24.06 -16.71
C HIS B 184 -3.41 -25.22 -16.23
N ARG B 185 -3.86 -26.48 -16.39
CA ARG B 185 -3.09 -27.64 -15.95
C ARG B 185 -2.96 -28.71 -17.03
N LEU B 186 -4.02 -28.99 -17.80
CA LEU B 186 -3.95 -30.00 -18.85
C LEU B 186 -3.29 -29.42 -20.10
N THR B 187 -2.29 -30.14 -20.63
CA THR B 187 -1.66 -29.67 -21.86
C THR B 187 -2.64 -29.87 -23.00
N VAL B 188 -2.85 -28.81 -23.78
CA VAL B 188 -3.83 -28.81 -24.85
C VAL B 188 -3.14 -29.20 -26.16
N HIS B 189 -3.74 -30.12 -26.89
CA HIS B 189 -3.05 -30.80 -27.97
C HIS B 189 -3.37 -30.26 -29.37
N ARG B 190 -4.56 -29.70 -29.59
CA ARG B 190 -4.81 -29.00 -30.86
C ARG B 190 -5.73 -27.80 -30.63
N LYS B 191 -5.38 -26.65 -31.21
CA LYS B 191 -6.11 -25.39 -30.99
C LYS B 191 -6.67 -24.87 -32.31
N TYR B 192 -7.94 -24.47 -32.29
CA TYR B 192 -8.64 -23.96 -33.46
C TYR B 192 -9.28 -22.61 -33.16
N ASP B 193 -9.07 -21.65 -34.05
CA ASP B 193 -9.67 -20.32 -33.97
C ASP B 193 -10.79 -20.25 -35.01
N LEU B 194 -11.95 -20.79 -34.65
CA LEU B 194 -13.03 -21.00 -35.59
C LEU B 194 -13.78 -19.68 -35.83
N LYS B 195 -13.91 -19.27 -37.09
CA LYS B 195 -14.54 -17.99 -37.45
C LYS B 195 -15.82 -18.19 -38.27
N VAL B 199 -16.53 -15.67 -46.62
CA VAL B 199 -15.20 -15.98 -47.14
C VAL B 199 -14.69 -17.29 -46.55
N ALA B 200 -13.37 -17.37 -46.33
CA ALA B 200 -12.73 -18.56 -45.76
C ALA B 200 -11.30 -18.26 -45.30
N ARG B 201 -10.96 -18.74 -44.09
CA ARG B 201 -9.67 -18.48 -43.46
C ARG B 201 -8.94 -19.79 -43.20
N GLU B 202 -7.61 -19.76 -43.32
CA GLU B 202 -6.81 -20.95 -43.11
C GLU B 202 -5.47 -20.56 -42.53
N ALA B 203 -4.76 -21.56 -41.99
CA ALA B 203 -3.53 -21.32 -41.26
C ALA B 203 -2.35 -21.03 -42.19
N SER B 204 -1.70 -19.89 -41.97
CA SER B 204 -0.43 -19.61 -42.63
C SER B 204 0.56 -20.73 -42.36
N ASP B 205 1.37 -21.07 -43.35
CA ASP B 205 2.39 -22.09 -43.15
C ASP B 205 3.42 -21.66 -42.11
N LYS B 206 3.59 -20.35 -41.89
CA LYS B 206 4.39 -19.87 -40.77
C LYS B 206 3.78 -20.27 -39.44
N GLU B 207 2.48 -19.97 -39.25
CA GLU B 207 1.78 -20.40 -38.04
C GLU B 207 1.67 -21.92 -38.00
N LYS B 208 1.50 -22.56 -39.16
CA LYS B 208 1.37 -24.01 -39.21
C LYS B 208 2.64 -24.73 -38.77
N ALA B 209 3.77 -24.05 -38.68
CA ALA B 209 5.02 -24.66 -38.28
C ALA B 209 5.37 -24.38 -36.81
N LYS B 210 4.42 -23.86 -36.02
CA LYS B 210 4.70 -23.47 -34.65
C LYS B 210 4.58 -24.67 -33.70
N ASP B 211 5.13 -24.50 -32.49
CA ASP B 211 5.16 -25.60 -31.52
C ASP B 211 3.75 -26.07 -31.17
N LEU B 212 2.80 -25.13 -31.06
CA LEU B 212 1.37 -25.45 -30.95
C LEU B 212 0.62 -24.59 -31.96
N PRO B 213 0.19 -25.16 -33.08
CA PRO B 213 -0.40 -24.34 -34.15
C PRO B 213 -1.76 -23.79 -33.78
N THR B 214 -2.15 -22.74 -34.49
CA THR B 214 -3.46 -22.10 -34.34
C THR B 214 -4.25 -22.29 -35.63
N PHE B 215 -4.93 -23.44 -35.74
CA PHE B 215 -5.66 -23.76 -36.96
C PHE B 215 -6.95 -22.95 -37.01
N LYS B 216 -7.26 -22.40 -38.16
CA LYS B 216 -8.45 -21.59 -38.31
C LYS B 216 -9.53 -22.40 -39.02
N ASP B 217 -10.57 -21.72 -39.51
CA ASP B 217 -11.86 -22.37 -39.76
C ASP B 217 -11.78 -23.46 -40.83
N ASN B 218 -10.96 -23.27 -41.87
CA ASN B 218 -10.98 -24.21 -43.00
C ASN B 218 -10.37 -25.57 -42.64
N ASP B 219 -9.42 -25.60 -41.70
CA ASP B 219 -8.67 -26.80 -41.37
C ASP B 219 -9.28 -27.61 -40.23
N PHE B 220 -10.42 -27.17 -39.69
CA PHE B 220 -11.23 -28.03 -38.84
C PHE B 220 -12.15 -28.90 -39.67
N LEU B 221 -12.46 -28.47 -40.90
CA LEU B 221 -13.19 -29.29 -41.85
C LEU B 221 -12.26 -30.12 -42.71
N ASN B 222 -11.11 -29.54 -43.11
CA ASN B 222 -10.10 -30.29 -43.86
C ASN B 222 -9.31 -31.28 -43.02
N GLU B 223 -9.53 -31.31 -41.69
CA GLU B 223 -8.91 -32.30 -40.81
C GLU B 223 -9.85 -33.38 -40.32
N GLY B 224 -11.17 -33.15 -40.37
CA GLY B 224 -12.11 -34.18 -39.96
C GLY B 224 -12.29 -34.32 -38.46
N GLN B 225 -11.75 -33.43 -37.65
CA GLN B 225 -12.10 -33.45 -36.23
C GLN B 225 -13.56 -33.07 -36.07
N LYS B 226 -14.20 -33.71 -35.10
CA LYS B 226 -15.47 -33.30 -34.55
C LYS B 226 -15.36 -33.48 -33.04
N LEU B 227 -16.35 -32.92 -32.32
CA LEU B 227 -16.37 -32.93 -30.86
C LEU B 227 -17.68 -33.58 -30.41
N HIS B 228 -17.58 -34.81 -29.90
CA HIS B 228 -18.75 -35.65 -29.67
C HIS B 228 -19.20 -35.54 -28.21
N VAL B 229 -20.36 -34.94 -28.01
CA VAL B 229 -20.97 -34.76 -26.70
C VAL B 229 -22.42 -35.27 -26.79
N LYS B 234 -23.97 -31.26 -23.92
CA LYS B 234 -24.89 -31.80 -24.92
C LYS B 234 -25.42 -30.68 -25.82
N LYS B 235 -26.75 -30.50 -25.82
CA LYS B 235 -27.35 -29.42 -26.58
C LYS B 235 -27.36 -28.09 -25.83
N ASN B 236 -27.18 -28.11 -24.51
CA ASN B 236 -27.32 -26.89 -23.71
C ASN B 236 -26.16 -25.91 -23.94
N PHE B 237 -25.03 -26.42 -24.43
CA PHE B 237 -23.96 -25.54 -24.90
C PHE B 237 -24.49 -24.58 -25.96
N LEU B 238 -25.19 -25.12 -26.95
CA LEU B 238 -25.77 -24.28 -28.00
C LEU B 238 -26.82 -23.32 -27.44
N GLU B 239 -27.59 -23.77 -26.45
CA GLU B 239 -28.57 -22.88 -25.82
C GLU B 239 -27.90 -21.66 -25.19
N LYS B 240 -26.74 -21.86 -24.56
CA LYS B 240 -26.00 -20.71 -24.02
C LYS B 240 -25.41 -19.85 -25.13
N LEU B 241 -24.79 -20.49 -26.14
CA LEU B 241 -24.14 -19.74 -27.21
C LEU B 241 -25.12 -18.85 -27.96
N LYS B 242 -26.32 -19.36 -28.27
CA LYS B 242 -27.29 -18.55 -29.01
C LYS B 242 -27.61 -17.27 -28.26
N ARG B 243 -27.79 -17.37 -26.93
CA ARG B 243 -28.04 -16.18 -26.12
C ARG B 243 -26.87 -15.22 -26.21
N ASP B 244 -25.65 -15.75 -26.09
CA ASP B 244 -24.46 -14.90 -26.12
C ASP B 244 -24.36 -14.13 -27.43
N VAL B 245 -24.44 -14.83 -28.56
CA VAL B 245 -24.18 -14.17 -29.82
C VAL B 245 -25.35 -13.27 -30.20
N GLU B 246 -26.58 -13.63 -29.82
CA GLU B 246 -27.70 -12.70 -29.96
C GLU B 246 -27.39 -11.38 -29.22
N PHE B 247 -26.82 -11.49 -28.01
CA PHE B 247 -26.44 -10.29 -27.26
C PHE B 247 -25.34 -9.51 -27.98
N LEU B 248 -24.32 -10.21 -28.47
CA LEU B 248 -23.20 -9.53 -29.14
C LEU B 248 -23.69 -8.77 -30.36
N ALA B 249 -24.52 -9.40 -31.19
CA ALA B 249 -25.06 -8.75 -32.37
C ALA B 249 -25.95 -7.57 -31.97
N GLN B 250 -26.86 -7.79 -31.02
CA GLN B 250 -27.69 -6.70 -30.52
C GLN B 250 -26.86 -5.53 -30.01
N LEU B 251 -25.58 -5.74 -29.71
CA LEU B 251 -24.70 -4.64 -29.36
C LEU B 251 -23.80 -4.18 -30.50
N LYS B 252 -24.05 -4.64 -31.73
CA LYS B 252 -23.35 -4.22 -32.95
C LYS B 252 -21.89 -4.71 -33.00
N ILE B 253 -21.57 -5.78 -32.27
CA ILE B 253 -20.21 -6.33 -32.23
C ILE B 253 -20.05 -7.35 -33.36
N MET B 254 -18.90 -7.30 -34.03
CA MET B 254 -18.52 -8.30 -35.02
C MET B 254 -17.07 -8.72 -34.78
N ASP B 255 -16.54 -9.54 -35.69
CA ASP B 255 -15.15 -9.98 -35.74
C ASP B 255 -14.76 -10.93 -34.60
N TYR B 256 -15.72 -11.46 -33.84
CA TYR B 256 -15.40 -12.36 -32.74
C TYR B 256 -15.21 -13.78 -33.24
N SER B 257 -14.36 -14.53 -32.55
CA SER B 257 -14.10 -15.91 -32.92
C SER B 257 -14.53 -16.85 -31.79
N LEU B 258 -14.60 -18.14 -32.09
CA LEU B 258 -14.76 -19.15 -31.06
C LEU B 258 -13.47 -19.98 -30.96
N LEU B 259 -12.90 -20.04 -29.76
CA LEU B 259 -11.66 -20.76 -29.51
C LEU B 259 -11.99 -22.16 -29.01
N VAL B 260 -11.34 -23.16 -29.62
CA VAL B 260 -11.57 -24.57 -29.34
C VAL B 260 -10.23 -25.24 -29.06
N GLY B 261 -10.14 -25.93 -27.93
CA GLY B 261 -8.96 -26.73 -27.59
C GLY B 261 -9.29 -28.19 -27.38
N ILE B 262 -8.39 -29.07 -27.85
CA ILE B 262 -8.53 -30.52 -27.75
C ILE B 262 -7.35 -31.05 -26.94
N HIS B 263 -7.67 -31.83 -25.89
CA HIS B 263 -6.68 -32.53 -25.07
C HIS B 263 -6.91 -34.02 -25.21
N ASP B 264 -5.92 -34.73 -25.75
CA ASP B 264 -5.96 -36.18 -25.97
C ASP B 264 -5.46 -36.86 -24.71
N VAL B 265 -6.40 -37.34 -23.87
CA VAL B 265 -6.04 -37.95 -22.59
C VAL B 265 -4.96 -39.02 -22.80
N ASP B 266 -5.16 -39.87 -23.81
CA ASP B 266 -4.29 -41.03 -24.01
C ASP B 266 -2.82 -40.65 -24.20
N ARG B 267 -2.54 -39.47 -24.76
CA ARG B 267 -1.15 -39.08 -24.97
C ARG B 267 -0.38 -39.07 -23.65
N ALA B 268 -0.89 -38.32 -22.67
CA ALA B 268 -0.42 -38.38 -21.28
C ALA B 268 1.07 -38.04 -21.13
N PHE B 313 -0.33 -36.64 -6.10
CA PHE B 313 -0.24 -36.65 -7.56
C PHE B 313 -1.51 -36.08 -8.23
N PHE B 314 -1.59 -36.20 -9.55
CA PHE B 314 -2.77 -35.80 -10.32
C PHE B 314 -2.96 -36.81 -11.45
N GLY B 315 -3.91 -36.55 -12.34
CA GLY B 315 -4.31 -37.55 -13.30
C GLY B 315 -4.59 -37.05 -14.70
N PRO B 316 -4.92 -37.99 -15.62
CA PRO B 316 -5.20 -37.63 -17.01
C PRO B 316 -6.69 -37.46 -17.28
N GLY B 317 -7.09 -36.43 -18.04
CA GLY B 317 -8.50 -36.15 -18.20
C GLY B 317 -9.14 -35.65 -16.93
N GLU B 318 -8.31 -35.38 -15.93
CA GLU B 318 -8.79 -35.01 -14.62
C GLU B 318 -8.66 -33.49 -14.49
N PHE B 319 -9.78 -32.83 -14.22
CA PHE B 319 -9.77 -31.37 -14.17
C PHE B 319 -10.82 -30.90 -13.17
N ASP B 320 -10.65 -29.68 -12.66
CA ASP B 320 -11.60 -29.08 -11.75
C ASP B 320 -12.52 -28.15 -12.51
N PRO B 321 -13.81 -28.45 -12.66
CA PRO B 321 -14.68 -27.60 -13.49
C PRO B 321 -14.95 -26.23 -12.92
N SER B 322 -14.65 -25.97 -11.64
CA SER B 322 -14.80 -24.61 -11.14
C SER B 322 -13.61 -23.73 -11.50
N VAL B 323 -12.53 -24.30 -12.01
CA VAL B 323 -11.33 -23.55 -12.41
C VAL B 323 -11.22 -23.47 -13.94
N ASP B 324 -11.31 -24.62 -14.61
CA ASP B 324 -11.41 -24.70 -16.07
C ASP B 324 -12.90 -24.70 -16.48
N VAL B 325 -13.49 -23.50 -16.45
CA VAL B 325 -14.94 -23.37 -16.55
C VAL B 325 -15.49 -23.80 -17.89
N TYR B 326 -14.67 -23.77 -18.95
CA TYR B 326 -15.11 -24.08 -20.31
C TYR B 326 -14.85 -25.53 -20.69
N ALA B 327 -14.36 -26.35 -19.77
CA ALA B 327 -13.96 -27.70 -20.14
C ALA B 327 -15.19 -28.61 -20.23
N MET B 328 -15.07 -29.64 -21.07
CA MET B 328 -16.18 -30.53 -21.39
C MET B 328 -15.63 -31.91 -21.71
N LYS B 329 -16.15 -32.92 -21.03
CA LYS B 329 -15.72 -34.30 -21.24
C LYS B 329 -16.32 -34.84 -22.55
N SER B 330 -15.54 -35.64 -23.27
CA SER B 330 -16.05 -36.24 -24.48
C SER B 330 -16.98 -37.39 -24.15
N HIS B 331 -17.98 -37.59 -25.01
CA HIS B 331 -18.88 -38.74 -24.90
C HIS B 331 -18.07 -40.03 -24.94
N GLU B 332 -18.68 -41.11 -24.42
CA GLU B 332 -18.07 -42.42 -24.56
C GLU B 332 -17.94 -42.82 -26.03
N SER B 333 -18.78 -42.26 -26.89
CA SER B 333 -18.79 -42.55 -28.31
C SER B 333 -17.66 -41.88 -29.07
N SER B 334 -16.77 -41.15 -28.41
CA SER B 334 -15.73 -40.52 -29.19
C SER B 334 -14.66 -41.56 -29.56
N PRO B 335 -14.12 -41.50 -30.77
CA PRO B 335 -12.96 -42.35 -31.12
C PRO B 335 -11.84 -42.21 -30.09
N LYS B 336 -11.24 -41.03 -29.99
CA LYS B 336 -10.20 -40.80 -29.00
C LYS B 336 -10.84 -40.41 -27.66
N LYS B 337 -10.07 -40.59 -26.58
CA LYS B 337 -10.48 -40.13 -25.25
C LYS B 337 -10.03 -38.69 -25.07
N GLU B 338 -10.97 -37.76 -25.09
CA GLU B 338 -10.64 -36.35 -25.25
C GLU B 338 -11.34 -35.49 -24.21
N VAL B 339 -10.79 -34.30 -23.99
CA VAL B 339 -11.51 -33.26 -23.25
C VAL B 339 -11.33 -31.94 -24.01
N TYR B 340 -12.44 -31.22 -24.21
CA TYR B 340 -12.50 -30.06 -25.06
C TYR B 340 -12.68 -28.80 -24.20
N PHE B 341 -12.22 -27.65 -24.71
CA PHE B 341 -12.45 -26.35 -24.06
C PHE B 341 -12.93 -25.36 -25.13
N MET B 342 -13.97 -24.58 -24.81
CA MET B 342 -14.65 -23.79 -25.83
C MET B 342 -15.16 -22.47 -25.27
N ALA B 343 -14.81 -21.35 -25.90
CA ALA B 343 -15.35 -20.06 -25.45
C ALA B 343 -15.20 -19.01 -26.55
N ILE B 344 -15.98 -17.91 -26.42
CA ILE B 344 -15.95 -16.84 -27.42
C ILE B 344 -14.84 -15.86 -27.06
N ILE B 345 -14.16 -15.32 -28.08
CA ILE B 345 -13.04 -14.40 -27.88
C ILE B 345 -13.09 -13.24 -28.88
N ASP B 346 -12.40 -12.15 -28.53
CA ASP B 346 -12.18 -10.97 -29.38
C ASP B 346 -13.47 -10.21 -29.66
N ILE B 347 -14.12 -9.67 -28.62
CA ILE B 347 -15.43 -9.05 -28.80
C ILE B 347 -15.37 -7.53 -28.61
N LEU B 348 -14.29 -6.89 -29.04
CA LEU B 348 -14.11 -5.44 -28.87
C LEU B 348 -13.88 -4.77 -30.22
N THR B 349 -14.95 -4.30 -30.86
CA THR B 349 -14.86 -3.63 -32.19
C THR B 349 -15.84 -2.45 -32.34
N PRO B 377 -21.63 -7.81 -38.22
CA PRO B 377 -22.79 -7.26 -37.51
C PRO B 377 -23.87 -8.30 -37.25
N GLU B 378 -25.12 -7.96 -37.61
CA GLU B 378 -26.21 -8.89 -37.35
C GLU B 378 -26.12 -10.14 -38.23
N GLN B 379 -25.65 -9.99 -39.47
CA GLN B 379 -25.46 -11.16 -40.33
C GLN B 379 -24.38 -12.09 -39.76
N TYR B 380 -23.26 -11.50 -39.33
CA TYR B 380 -22.21 -12.24 -38.63
C TYR B 380 -22.78 -13.18 -37.58
N SER B 381 -23.77 -12.70 -36.81
CA SER B 381 -24.39 -13.51 -35.75
C SER B 381 -24.87 -14.86 -36.28
N LYS B 382 -25.69 -14.82 -37.33
CA LYS B 382 -26.32 -16.04 -37.83
C LYS B 382 -25.30 -16.93 -38.54
N ARG B 383 -24.44 -16.34 -39.40
CA ARG B 383 -23.46 -17.18 -40.09
C ARG B 383 -22.54 -17.90 -39.09
N PHE B 384 -22.07 -17.17 -38.07
CA PHE B 384 -21.15 -17.74 -37.09
C PHE B 384 -21.82 -18.81 -36.22
N ASN B 385 -23.06 -18.55 -35.76
CA ASN B 385 -23.77 -19.54 -34.95
C ASN B 385 -24.11 -20.78 -35.78
N GLU B 386 -24.36 -20.63 -37.08
CA GLU B 386 -24.58 -21.80 -37.92
C GLU B 386 -23.33 -22.68 -37.96
N PHE B 387 -22.19 -22.06 -38.33
CA PHE B 387 -20.93 -22.78 -38.37
C PHE B 387 -20.72 -23.57 -37.08
N MET B 388 -20.89 -22.91 -35.92
CA MET B 388 -20.63 -23.65 -34.68
C MET B 388 -21.76 -24.59 -34.28
N SER B 389 -22.97 -24.43 -34.83
CA SER B 389 -24.01 -25.38 -34.49
C SER B 389 -23.77 -26.72 -35.15
N ASN B 390 -23.01 -26.75 -36.24
CA ASN B 390 -22.79 -28.02 -36.94
C ASN B 390 -21.52 -28.75 -36.52
N ILE B 391 -21.03 -28.59 -35.28
CA ILE B 391 -19.78 -29.24 -34.88
C ILE B 391 -19.89 -30.11 -33.64
N LEU B 392 -21.06 -30.17 -33.01
CA LEU B 392 -21.29 -31.06 -31.87
C LEU B 392 -22.15 -32.24 -32.31
N THR B 393 -21.89 -33.42 -31.71
CA THR B 393 -22.70 -34.60 -32.01
C THR B 393 -23.11 -35.39 -30.77
C1 CZC C . 6.73 15.36 22.58
C1 CZC C . 3.68 16.16 24.15
C2 CZC C . 6.09 17.67 22.78
C2 CZC C . 5.11 17.81 23.12
C3 CZC C . 4.99 17.29 23.43
C3 CZC C . 5.98 16.85 22.82
C4 CZC C . 7.06 19.96 22.10
C4 CZC C . 5.10 20.38 22.72
C5 CZC C . 6.59 20.51 20.76
C5 CZC C . 5.91 21.25 23.65
C6 CZC C . 7.43 21.75 20.69
C6 CZC C . 5.67 22.61 23.05
C7 CZC C . 7.04 22.30 22.05
C7 CZC C . 6.05 22.24 21.64
C8 CZC C . 5.57 22.73 22.06
C8 CZC C . 7.55 21.92 21.56
C9 CZC C . 4.70 16.01 23.67
C9 CZC C . 5.77 15.58 23.12
C10 CZC C . 4.98 19.44 23.29
C10 CZC C . 6.77 18.71 22.09
N1 CZC C . 5.57 15.01 23.25
N1 CZC C . 4.62 15.19 23.81
N2 CZC C . 7.01 16.70 22.33
N2 CZC C . 3.93 17.50 23.80
N3 CZC C . 4.31 18.40 23.74
N3 CZC C . 7.00 17.41 22.17
N4 CZC C . 6.09 19.00 22.70
N4 CZC C . 5.60 18.98 22.68
O1 CZC C . 7.49 14.48 22.20
O1 CZC C . 2.67 15.83 24.74
O2 CZC C . 6.91 19.62 19.68
O2 CZC C . 5.42 21.15 25.00
O3 CZC C . 8.82 21.41 20.67
O3 CZC C . 4.28 22.97 23.10
O4 CZC C . 7.21 21.15 22.93
O4 CZC C . 5.25 21.04 21.42
O5 CZC C . 5.26 23.32 23.33
O5 CZC C . 7.98 22.00 20.19
O6 CZC C . 3.68 15.70 24.26
O6 CZC C . 6.59 14.72 22.82
O7 CZC C . 3.51 24.77 22.03
O7 CZC C . 9.34 24.14 19.60
O8 CZC C . 2.78 23.50 24.08
O8 CZC C . 10.34 22.43 21.15
O9 CZC C . 4.35 25.54 24.34
O9 CZC C . 10.06 21.83 18.67
O10 CZC C . 5.64 26.24 21.92
O10 CZC C . 8.10 23.47 17.47
O11 CZC C . 3.34 27.27 21.41
O11 CZC C . 9.57 25.54 17.47
O12 CZC C . 4.41 25.59 19.77
O12 CZC C . 7.34 25.55 18.77
P1 CZC C . 4.03 24.35 23.50
P1 CZC C . 9.44 22.55 19.82
P2 CZC C . 4.23 25.93 21.20
P2 CZC C . 8.52 24.73 18.37
C1 CZF D . 15.43 20.05 1.13
C2 CZF D . 19.70 18.32 1.60
C3 CZF D . 15.39 20.96 -0.09
C4 CZF D . 14.53 22.06 0.48
C5 CZF D . 17.36 18.37 0.96
C6 CZF D . 13.42 21.18 1.10
C7 CZF D . 17.47 17.13 0.46
C8 CZF D . 12.17 21.24 0.20
C9 CZF D . 18.63 16.46 0.50
C10 CZF D . 15.44 17.79 0.18
N1 CZF D . 19.77 17.04 1.06
N2 CZF D . 18.47 19.00 1.55
N3 CZF D . 16.28 16.78 -0.01
N4 CZF D . 16.10 18.77 0.80
O1 CZF D . 20.68 18.86 2.12
O2 CZF D . 16.68 21.46 -0.47
O3 CZF D . 15.25 22.75 1.51
O4 CZF D . 14.01 19.85 1.23
O5 CZF D . 11.43 20.04 0.13
O6 CZF D . 18.70 15.33 0.02
O7 CZF D . 10.72 19.90 -2.46
O8 CZF D . 12.99 19.22 -1.73
O9 CZF D . 11.06 17.76 -0.90
O10 CZF D . 9.91 19.48 -5.05
O11 CZF D . 12.20 18.49 -4.26
O12 CZF D . 12.00 21.02 -4.46
O13 CZF D . 7.64 19.80 -6.47
O14 CZF D . 8.22 21.52 -4.63
O15 CZF D . 9.57 21.48 -6.77
P1 CZF D . 11.49 19.15 -1.19
P2 CZF D . 11.25 19.80 -4.07
P3 CZF D . 8.89 20.61 -5.77
C1 CZC E . -4.87 -19.20 -24.78
C2 CZC E . -5.67 -17.61 -26.38
C3 CZC E . -6.69 -17.30 -25.57
C4 CZC E . -4.93 -16.74 -28.73
C5 CZC E . -5.66 -17.29 -29.94
C6 CZC E . -5.10 -16.46 -31.08
C7 CZC E . -5.26 -15.10 -30.40
C8 CZC E . -6.72 -14.67 -30.35
C9 CZC E . -6.85 -17.89 -24.37
C10 CZC E . -6.84 -16.10 -27.34
N1 CZC E . -5.95 -18.86 -23.95
N2 CZC E . -4.72 -18.57 -26.01
N3 CZC E . -7.41 -16.36 -26.17
N4 CZC E . -5.77 -16.86 -27.49
O1 CZC E . -4.06 -20.06 -24.43
O2 CZC E . -5.30 -18.66 -30.11
O3 CZC E . -3.71 -16.73 -31.32
O4 CZC E . -4.69 -15.35 -29.07
O5 CZC E . -6.73 -13.23 -30.28
O6 CZC E . -7.80 -17.59 -23.63
O7 CZC E . -7.86 -11.84 -32.26
O8 CZC E . -9.23 -13.39 -30.74
O9 CZC E . -8.34 -11.21 -29.79
O10 CZC E . -5.96 -10.22 -31.49
O11 CZC E . -5.58 -11.69 -33.56
O12 CZC E . -7.22 -9.70 -33.62
P1 CZC E . -8.02 -12.34 -30.71
P2 CZC E . -6.60 -10.93 -32.78
#